data_7FSG
#
_entry.id   7FSG
#
_cell.length_a   81.040
_cell.length_b   49.508
_cell.length_c   115.578
_cell.angle_alpha   90.000
_cell.angle_beta   94.740
_cell.angle_gamma   90.000
#
_symmetry.space_group_name_H-M   'P 1 21 1'
#
loop_
_entity.id
_entity.type
_entity.pdbx_description
1 polymer Syntenin-1
2 non-polymer 1,2-ETHANEDIOL
3 non-polymer 'SULFATE ION'
4 non-polymer 'D-GLUTAMIC ACID'
5 non-polymer GLYCINE
6 non-polymer (5R)-5-[2-(4-methoxyphenyl)ethyl]-5-methylimidazolidine-2,4-dione
7 non-polymer ALANINE
8 water water
#
_entity_poly.entity_id   1
_entity_poly.type   'polypeptide(L)'
_entity_poly.pdbx_seq_one_letter_code
;SMAEIKQGIREVILCKDQDGKIGLRLKSIDNGIFVQLVQANSPASLVGLRFGDQVLQINGENCAGWSSDKAHKVLKQAFG
EKITMTIRDRPFERTITMHKDSTGHVGFIFKNGKITSIVKDSSAARNGLLTEHNICEINGQNVIGLKDSQIADILSTSGT
VVTITIMPAFIFEHIIKRMAPSIMKSLMDHTIPEV
;
_entity_poly.pdbx_strand_id   A,B,C,D
#
loop_
_chem_comp.id
_chem_comp.type
_chem_comp.name
_chem_comp.formula
EDO non-polymer 1,2-ETHANEDIOL 'C2 H6 O2'
SO4 non-polymer 'SULFATE ION' 'O4 S -2'
YG9 non-polymer (5R)-5-[2-(4-methoxyphenyl)ethyl]-5-methylimidazolidine-2,4-dione 'C13 H16 N2 O3'
#
# COMPACT_ATOMS: atom_id res chain seq x y z
N ILE A 5 17.41 10.38 -19.93
CA ILE A 5 16.14 9.63 -19.76
C ILE A 5 15.64 9.21 -21.16
N LYS A 6 15.83 7.95 -21.53
CA LYS A 6 15.27 7.34 -22.76
C LYS A 6 13.77 7.16 -22.58
N GLN A 7 12.96 8.06 -23.15
CA GLN A 7 11.47 8.00 -23.12
C GLN A 7 11.04 6.68 -23.77
N GLY A 8 11.58 5.57 -23.26
CA GLY A 8 11.46 4.22 -23.86
C GLY A 8 11.48 3.11 -22.84
N ILE A 9 10.84 1.99 -23.21
CA ILE A 9 10.89 0.67 -22.54
C ILE A 9 11.97 -0.16 -23.23
N ARG A 10 12.67 -1.01 -22.48
CA ARG A 10 13.81 -1.82 -22.99
C ARG A 10 13.89 -3.13 -22.22
N GLU A 11 14.43 -4.17 -22.86
CA GLU A 11 14.59 -5.50 -22.23
C GLU A 11 16.04 -5.60 -21.77
N VAL A 12 16.28 -6.05 -20.54
CA VAL A 12 17.67 -6.42 -20.10
C VAL A 12 17.66 -7.91 -19.75
N ILE A 13 18.78 -8.57 -19.97
CA ILE A 13 18.90 -10.00 -19.62
C ILE A 13 20.05 -10.11 -18.61
N LEU A 14 19.76 -10.68 -17.46
CA LEU A 14 20.64 -10.69 -16.26
C LEU A 14 21.10 -12.12 -16.12
N CYS A 15 22.08 -12.31 -15.26
CA CYS A 15 22.70 -13.62 -14.97
C CYS A 15 23.21 -13.53 -13.55
N LYS A 16 22.63 -14.26 -12.58
CA LYS A 16 23.07 -14.30 -11.15
C LYS A 16 24.59 -14.60 -11.10
N ASP A 17 25.35 -13.93 -10.24
CA ASP A 17 26.84 -14.11 -10.17
C ASP A 17 27.09 -15.46 -9.47
N GLN A 18 28.36 -15.76 -9.22
CA GLN A 18 28.82 -16.99 -8.50
C GLN A 18 28.01 -17.23 -7.24
N ASP A 19 27.67 -16.14 -6.52
CA ASP A 19 27.10 -16.17 -5.14
C ASP A 19 25.57 -16.11 -5.20
N GLY A 20 24.99 -16.25 -6.38
CA GLY A 20 23.52 -16.14 -6.57
C GLY A 20 22.97 -14.73 -6.41
N LYS A 21 23.78 -13.68 -6.55
CA LYS A 21 23.38 -12.28 -6.34
C LYS A 21 23.12 -11.61 -7.69
N ILE A 22 22.32 -10.56 -7.74
CA ILE A 22 22.25 -9.70 -8.97
C ILE A 22 22.64 -8.27 -8.59
N GLY A 23 22.66 -7.94 -7.31
CA GLY A 23 23.13 -6.64 -6.81
C GLY A 23 22.07 -5.58 -6.96
N LEU A 24 20.85 -5.87 -6.54
CA LEU A 24 19.70 -4.96 -6.73
C LEU A 24 18.81 -4.98 -5.48
N ARG A 25 18.42 -3.83 -4.97
CA ARG A 25 17.29 -3.69 -4.02
C ARG A 25 16.19 -2.90 -4.76
N LEU A 26 14.94 -3.21 -4.47
CA LEU A 26 13.76 -2.82 -5.28
C LEU A 26 12.77 -2.21 -4.29
N LYS A 27 11.94 -1.25 -4.73
CA LYS A 27 11.06 -0.50 -3.80
C LYS A 27 9.70 -0.30 -4.47
N SER A 28 8.61 -0.61 -3.75
CA SER A 28 7.20 -0.39 -4.14
C SER A 28 6.93 1.11 -4.10
N ILE A 29 6.66 1.70 -5.25
CA ILE A 29 6.25 3.13 -5.33
C ILE A 29 4.99 3.26 -6.20
N ASP A 30 3.90 3.76 -5.62
CA ASP A 30 2.68 4.04 -6.39
C ASP A 30 2.35 2.79 -7.22
N ASN A 31 2.46 1.58 -6.65
CA ASN A 31 2.00 0.29 -7.27
C ASN A 31 2.85 -0.09 -8.48
N GLY A 32 4.04 0.52 -8.56
CA GLY A 32 5.09 0.08 -9.45
C GLY A 32 6.24 -0.48 -8.64
N ILE A 33 7.29 -0.88 -9.33
CA ILE A 33 8.53 -1.38 -8.67
C ILE A 33 9.70 -0.63 -9.27
N PHE A 34 10.48 0.01 -8.42
CA PHE A 34 11.61 0.88 -8.79
C PHE A 34 12.92 0.35 -8.19
N VAL A 35 14.02 0.62 -8.89
CA VAL A 35 15.40 0.35 -8.39
C VAL A 35 15.79 1.35 -7.28
N GLN A 36 16.04 0.83 -6.08
CA GLN A 36 16.49 1.60 -4.88
C GLN A 36 18.03 1.63 -4.83
N LEU A 37 18.66 0.55 -5.28
CA LEU A 37 20.13 0.32 -5.17
C LEU A 37 20.58 -0.61 -6.28
N VAL A 38 21.70 -0.24 -6.91
CA VAL A 38 22.50 -1.09 -7.84
C VAL A 38 23.90 -1.20 -7.24
N GLN A 39 24.26 -2.41 -6.82
CA GLN A 39 25.59 -2.74 -6.21
C GLN A 39 26.68 -2.62 -7.27
N ALA A 40 27.81 -1.99 -6.93
CA ALA A 40 29.02 -1.92 -7.79
C ALA A 40 29.49 -3.34 -8.16
N ASN A 41 29.98 -3.54 -9.38
CA ASN A 41 30.51 -4.82 -9.92
C ASN A 41 29.49 -5.95 -9.75
N SER A 42 28.20 -5.71 -10.03
CA SER A 42 27.17 -6.77 -9.97
C SER A 42 26.60 -7.00 -11.37
N PRO A 43 25.85 -8.10 -11.60
CA PRO A 43 25.14 -8.28 -12.86
C PRO A 43 24.26 -7.08 -13.23
N ALA A 44 23.63 -6.47 -12.22
CA ALA A 44 22.66 -5.36 -12.43
C ALA A 44 23.42 -4.16 -12.99
N SER A 45 24.60 -3.87 -12.47
CA SER A 45 25.41 -2.73 -13.00
C SER A 45 25.89 -3.02 -14.43
N LEU A 46 26.46 -4.19 -14.67
CA LEU A 46 27.08 -4.56 -15.98
C LEU A 46 26.00 -4.47 -17.05
N VAL A 47 24.76 -4.84 -16.75
CA VAL A 47 23.68 -4.78 -17.76
C VAL A 47 23.09 -3.35 -17.81
N GLY A 48 23.51 -2.45 -16.92
CA GLY A 48 23.20 -1.02 -17.04
C GLY A 48 21.93 -0.62 -16.34
N LEU A 49 21.46 -1.39 -15.34
CA LEU A 49 20.33 -0.95 -14.46
C LEU A 49 20.74 0.30 -13.66
N ARG A 50 19.83 1.25 -13.49
CA ARG A 50 20.08 2.56 -12.83
C ARG A 50 19.09 2.72 -11.68
N PHE A 51 19.53 3.33 -10.60
CA PHE A 51 18.65 3.97 -9.60
C PHE A 51 17.49 4.72 -10.29
N GLY A 52 16.30 4.60 -9.71
CA GLY A 52 15.05 5.16 -10.23
C GLY A 52 14.46 4.43 -11.44
N ASP A 53 15.11 3.41 -12.00
CA ASP A 53 14.50 2.66 -13.12
C ASP A 53 13.24 1.97 -12.58
N GLN A 54 12.24 1.84 -13.41
CA GLN A 54 11.03 1.05 -13.14
C GLN A 54 11.15 -0.34 -13.76
N VAL A 55 10.80 -1.35 -13.00
CA VAL A 55 10.78 -2.76 -13.45
C VAL A 55 9.33 -3.10 -13.76
N LEU A 56 8.97 -3.19 -15.05
CA LEU A 56 7.60 -3.48 -15.54
C LEU A 56 7.39 -4.98 -15.41
N GLN A 57 8.38 -5.74 -15.83
CA GLN A 57 8.29 -7.22 -15.79
C GLN A 57 9.61 -7.85 -15.37
N ILE A 58 9.46 -9.05 -14.85
CA ILE A 58 10.54 -9.96 -14.41
C ILE A 58 10.13 -11.31 -14.96
N ASN A 59 10.94 -11.87 -15.84
CA ASN A 59 10.59 -13.12 -16.55
C ASN A 59 9.14 -13.00 -17.05
N GLY A 60 8.74 -11.84 -17.57
CA GLY A 60 7.47 -11.68 -18.29
C GLY A 60 6.24 -11.69 -17.39
N GLU A 61 6.39 -11.80 -16.06
CA GLU A 61 5.29 -11.47 -15.10
C GLU A 61 5.23 -9.96 -14.85
N ASN A 62 4.05 -9.35 -14.76
CA ASN A 62 3.91 -7.90 -14.48
C ASN A 62 4.19 -7.65 -13.00
N CYS A 63 4.83 -6.53 -12.66
CA CYS A 63 5.23 -6.20 -11.26
C CYS A 63 4.14 -5.37 -10.55
N ALA A 64 3.15 -4.84 -11.26
CA ALA A 64 2.16 -3.90 -10.70
C ALA A 64 1.61 -4.43 -9.38
N GLY A 65 1.55 -3.61 -8.34
CA GLY A 65 0.96 -3.99 -7.04
C GLY A 65 1.89 -4.81 -6.17
N TRP A 66 3.01 -5.30 -6.67
CA TRP A 66 3.90 -6.13 -5.81
C TRP A 66 4.49 -5.32 -4.65
N SER A 67 4.49 -5.92 -3.46
CA SER A 67 5.31 -5.50 -2.30
C SER A 67 6.79 -5.50 -2.72
N SER A 68 7.62 -4.68 -2.08
CA SER A 68 9.10 -4.79 -2.18
C SER A 68 9.53 -6.25 -1.83
N ASP A 69 8.96 -6.83 -0.78
CA ASP A 69 9.26 -8.23 -0.34
C ASP A 69 9.00 -9.20 -1.50
N LYS A 70 7.83 -9.12 -2.15
CA LYS A 70 7.45 -10.10 -3.21
C LYS A 70 8.44 -10.00 -4.38
N ALA A 71 8.77 -8.80 -4.82
CA ALA A 71 9.75 -8.59 -5.92
C ALA A 71 11.06 -9.28 -5.54
N HIS A 72 11.58 -9.06 -4.33
CA HIS A 72 12.84 -9.67 -3.77
C HIS A 72 12.79 -11.20 -3.67
N LYS A 73 11.72 -11.73 -3.09
CA LYS A 73 11.37 -13.16 -3.14
C LYS A 73 11.38 -13.64 -4.59
N VAL A 74 10.72 -12.93 -5.49
CA VAL A 74 10.61 -13.39 -6.91
C VAL A 74 12.03 -13.51 -7.44
N LEU A 75 12.90 -12.52 -7.25
CA LEU A 75 14.28 -12.60 -7.77
C LEU A 75 15.05 -13.79 -7.14
N LYS A 76 14.82 -14.04 -5.85
CA LYS A 76 15.48 -15.12 -5.07
C LYS A 76 15.13 -16.47 -5.69
N GLN A 77 13.97 -16.63 -6.35
CA GLN A 77 13.54 -17.93 -6.91
C GLN A 77 13.78 -18.10 -8.42
N ALA A 78 14.24 -17.08 -9.15
CA ALA A 78 14.47 -17.20 -10.61
C ALA A 78 15.53 -18.31 -10.87
N PHE A 79 15.34 -19.13 -11.92
CA PHE A 79 16.31 -20.16 -12.40
C PHE A 79 17.52 -19.46 -13.07
N GLY A 80 18.21 -18.63 -12.27
CA GLY A 80 19.65 -18.27 -12.30
C GLY A 80 20.18 -17.92 -13.67
N GLU A 81 20.37 -18.96 -14.51
CA GLU A 81 20.88 -18.92 -15.91
C GLU A 81 20.49 -17.60 -16.61
N LYS A 82 19.20 -17.28 -16.63
CA LYS A 82 18.66 -16.18 -17.45
C LYS A 82 17.45 -15.57 -16.74
N ILE A 83 17.57 -14.29 -16.39
CA ILE A 83 16.44 -13.42 -15.91
C ILE A 83 16.26 -12.30 -16.94
N THR A 84 15.09 -12.23 -17.58
CA THR A 84 14.72 -11.07 -18.42
C THR A 84 14.03 -10.07 -17.51
N MET A 85 14.32 -8.78 -17.68
CA MET A 85 13.49 -7.75 -17.05
C MET A 85 13.06 -6.78 -18.14
N THR A 86 11.84 -6.25 -18.01
CA THR A 86 11.39 -5.08 -18.81
C THR A 86 11.51 -3.81 -17.96
N ILE A 87 12.32 -2.86 -18.44
CA ILE A 87 12.69 -1.59 -17.75
C ILE A 87 12.04 -0.38 -18.44
N ARG A 88 11.49 0.53 -17.66
CA ARG A 88 11.24 1.93 -18.11
C ARG A 88 12.31 2.80 -17.43
N ASP A 89 12.99 3.60 -18.25
CA ASP A 89 14.19 4.35 -17.85
C ASP A 89 13.83 5.51 -16.91
N ARG A 90 14.33 5.47 -15.68
CA ARG A 90 14.19 6.58 -14.66
C ARG A 90 12.99 7.50 -14.91
N PRO A 91 11.75 7.01 -14.77
CA PRO A 91 10.60 7.80 -15.17
C PRO A 91 10.33 8.99 -14.23
N PHE A 92 10.79 8.95 -12.98
CA PHE A 92 10.66 10.09 -12.04
C PHE A 92 11.78 11.14 -12.25
N GLU A 93 12.67 10.95 -13.23
CA GLU A 93 13.86 11.83 -13.30
C GLU A 93 13.83 12.65 -14.59
N ARG A 94 14.55 13.75 -14.57
CA ARG A 94 14.78 14.59 -15.75
C ARG A 94 16.27 14.95 -15.82
N THR A 95 16.78 15.14 -17.02
CA THR A 95 18.14 15.64 -17.30
C THR A 95 18.12 17.11 -17.69
N ILE A 96 19.03 17.86 -17.07
CA ILE A 96 19.27 19.30 -17.33
C ILE A 96 20.75 19.45 -17.74
N THR A 97 20.98 20.15 -18.87
CA THR A 97 22.32 20.49 -19.42
C THR A 97 22.67 21.95 -19.11
N MET A 98 23.81 22.19 -18.47
CA MET A 98 24.31 23.53 -18.09
C MET A 98 25.75 23.76 -18.58
N HIS A 99 26.21 25.01 -18.59
CA HIS A 99 27.57 25.45 -19.05
C HIS A 99 28.25 26.25 -17.92
N LYS A 100 29.45 25.87 -17.45
CA LYS A 100 30.17 26.64 -16.41
C LYS A 100 30.39 28.04 -16.94
N ASP A 101 30.46 29.04 -16.08
CA ASP A 101 30.90 30.39 -16.44
C ASP A 101 32.44 30.42 -16.38
N SER A 102 33.08 31.58 -16.52
CA SER A 102 34.58 31.67 -16.48
C SER A 102 35.08 31.18 -15.12
N THR A 103 34.30 31.45 -14.06
CA THR A 103 34.57 31.10 -12.64
C THR A 103 34.40 29.60 -12.36
N GLY A 104 33.97 28.81 -13.35
CA GLY A 104 33.75 27.35 -13.22
C GLY A 104 32.40 27.03 -12.60
N HIS A 105 31.49 28.01 -12.44
CA HIS A 105 30.18 27.86 -11.74
C HIS A 105 29.05 27.48 -12.72
N VAL A 106 28.17 26.53 -12.35
CA VAL A 106 26.89 26.26 -13.08
C VAL A 106 25.76 27.09 -12.49
N GLY A 107 25.75 27.29 -11.18
CA GLY A 107 25.02 28.41 -10.58
C GLY A 107 23.88 27.96 -9.68
N PHE A 108 24.16 27.05 -8.74
CA PHE A 108 23.26 26.71 -7.61
C PHE A 108 24.01 26.32 -6.32
N ILE A 109 23.23 26.22 -5.23
CA ILE A 109 23.64 25.73 -3.89
C ILE A 109 22.86 24.46 -3.60
N PHE A 110 23.53 23.40 -3.18
CA PHE A 110 22.89 22.12 -2.79
C PHE A 110 23.38 21.71 -1.40
N LYS A 111 22.53 21.00 -0.65
CA LYS A 111 22.79 20.50 0.72
C LYS A 111 22.32 19.05 0.84
N ASN A 112 23.18 18.13 1.32
CA ASN A 112 22.86 16.68 1.45
C ASN A 112 22.31 16.18 0.12
N GLY A 113 22.93 16.60 -0.99
CA GLY A 113 22.57 16.17 -2.35
C GLY A 113 21.37 16.93 -2.93
N LYS A 114 20.71 17.79 -2.15
CA LYS A 114 19.42 18.45 -2.52
C LYS A 114 19.63 19.91 -2.91
N ILE A 115 19.23 20.32 -4.12
CA ILE A 115 19.38 21.72 -4.61
C ILE A 115 18.49 22.63 -3.77
N THR A 116 19.04 23.69 -3.14
CA THR A 116 18.28 24.56 -2.18
C THR A 116 18.20 25.99 -2.67
N SER A 117 19.01 26.43 -3.62
CA SER A 117 18.80 27.75 -4.26
C SER A 117 19.45 27.78 -5.64
N ILE A 118 18.92 28.67 -6.51
CA ILE A 118 19.35 28.91 -7.92
C ILE A 118 19.92 30.32 -7.95
N VAL A 119 21.14 30.49 -8.46
CA VAL A 119 21.85 31.80 -8.38
C VAL A 119 21.38 32.64 -9.56
N LYS A 120 21.01 33.89 -9.30
CA LYS A 120 20.50 34.81 -10.33
C LYS A 120 21.50 34.83 -11.49
N ASP A 121 21.01 34.87 -12.73
CA ASP A 121 21.80 35.16 -13.95
C ASP A 121 22.79 34.01 -14.24
N SER A 122 22.56 32.79 -13.77
CA SER A 122 23.45 31.63 -14.00
C SER A 122 22.92 30.73 -15.12
N SER A 123 23.75 29.78 -15.56
CA SER A 123 23.32 28.72 -16.50
C SER A 123 22.19 27.92 -15.84
N ALA A 124 22.23 27.75 -14.52
CA ALA A 124 21.20 26.99 -13.78
C ALA A 124 19.86 27.73 -13.87
N ALA A 125 19.85 29.06 -13.69
CA ALA A 125 18.65 29.92 -13.91
C ALA A 125 18.19 29.78 -15.36
N ARG A 126 19.09 29.96 -16.31
CA ARG A 126 18.72 30.05 -17.75
C ARG A 126 18.07 28.74 -18.21
N ASN A 127 18.40 27.63 -17.54
CA ASN A 127 17.93 26.24 -17.88
C ASN A 127 16.77 25.75 -17.00
N GLY A 128 16.31 26.57 -16.04
CA GLY A 128 15.15 26.26 -15.20
C GLY A 128 15.41 25.09 -14.27
N LEU A 129 16.62 25.02 -13.70
CA LEU A 129 16.89 24.09 -12.58
C LEU A 129 15.97 24.43 -11.44
N LEU A 130 15.52 23.43 -10.71
CA LEU A 130 14.56 23.60 -9.61
C LEU A 130 15.25 23.32 -8.30
N THR A 131 14.74 23.92 -7.23
CA THR A 131 15.13 23.57 -5.85
C THR A 131 14.30 22.38 -5.37
N GLU A 132 14.52 21.86 -4.14
CA GLU A 132 13.68 20.76 -3.62
C GLU A 132 13.76 19.56 -4.60
N HIS A 133 14.93 19.36 -5.21
CA HIS A 133 15.20 18.23 -6.14
C HIS A 133 16.52 17.59 -5.69
N ASN A 134 16.59 16.28 -5.62
CA ASN A 134 17.83 15.59 -5.21
C ASN A 134 18.68 15.36 -6.46
N ILE A 135 20.01 15.45 -6.35
CA ILE A 135 20.92 15.14 -7.48
C ILE A 135 21.09 13.62 -7.53
N CYS A 136 20.72 12.97 -8.62
CA CYS A 136 20.83 11.50 -8.76
C CYS A 136 22.15 11.15 -9.47
N GLU A 137 22.53 11.96 -10.44
CA GLU A 137 23.61 11.62 -11.38
C GLU A 137 24.25 12.92 -11.89
N ILE A 138 25.51 12.85 -12.33
CA ILE A 138 26.25 13.97 -12.99
C ILE A 138 27.06 13.39 -14.15
N ASN A 139 26.85 13.89 -15.36
CA ASN A 139 27.49 13.34 -16.57
C ASN A 139 27.40 11.81 -16.53
N GLY A 140 26.22 11.29 -16.23
CA GLY A 140 25.90 9.84 -16.33
C GLY A 140 26.46 9.02 -15.19
N GLN A 141 27.10 9.66 -14.21
CA GLN A 141 27.67 9.02 -13.00
C GLN A 141 26.73 9.14 -11.81
N ASN A 142 26.38 8.03 -11.19
CA ASN A 142 25.47 8.08 -10.03
C ASN A 142 26.27 8.70 -8.87
N VAL A 143 25.72 9.67 -8.13
CA VAL A 143 26.42 10.39 -7.04
C VAL A 143 25.62 10.25 -5.74
N ILE A 144 24.68 9.31 -5.72
CA ILE A 144 23.69 9.21 -4.61
C ILE A 144 24.41 8.69 -3.38
N GLY A 145 24.48 9.47 -2.31
CA GLY A 145 25.13 9.05 -1.05
C GLY A 145 26.62 9.37 -0.98
N LEU A 146 27.20 10.04 -1.98
CA LEU A 146 28.56 10.62 -1.84
C LEU A 146 28.47 11.87 -0.96
N LYS A 147 29.57 12.30 -0.33
CA LYS A 147 29.54 13.49 0.57
C LYS A 147 29.26 14.70 -0.31
N ASP A 148 28.82 15.81 0.25
CA ASP A 148 28.54 17.00 -0.59
C ASP A 148 29.83 17.45 -1.25
N SER A 149 30.94 17.36 -0.49
CA SER A 149 32.28 17.78 -0.92
C SER A 149 32.67 16.98 -2.16
N GLN A 150 32.30 15.70 -2.26
CA GLN A 150 32.71 14.86 -3.43
C GLN A 150 31.84 15.14 -4.66
N ILE A 151 30.60 15.60 -4.46
CA ILE A 151 29.70 16.04 -5.57
C ILE A 151 30.28 17.33 -6.16
N ALA A 152 30.76 18.27 -5.32
CA ALA A 152 31.46 19.48 -5.80
C ALA A 152 32.75 19.06 -6.53
N ASP A 153 33.56 18.20 -5.90
CA ASP A 153 34.76 17.61 -6.57
C ASP A 153 34.38 17.26 -8.00
N ILE A 154 33.40 16.36 -8.22
CA ILE A 154 32.96 15.91 -9.58
C ILE A 154 32.52 17.09 -10.47
N LEU A 155 31.94 18.15 -9.91
CA LEU A 155 31.39 19.28 -10.72
C LEU A 155 32.53 20.17 -11.23
N SER A 156 33.44 20.51 -10.31
CA SER A 156 34.79 21.10 -10.54
C SER A 156 35.57 20.40 -11.67
N THR A 157 35.69 19.07 -11.56
CA THR A 157 36.52 18.22 -12.45
C THR A 157 35.76 17.92 -13.75
N SER A 158 34.47 18.23 -13.84
CA SER A 158 33.69 18.04 -15.08
C SER A 158 34.16 19.10 -16.08
N GLY A 159 33.99 18.83 -17.38
CA GLY A 159 34.15 19.81 -18.48
C GLY A 159 33.09 20.89 -18.42
N THR A 160 33.26 21.98 -19.17
CA THR A 160 32.43 23.21 -19.06
C THR A 160 30.93 22.83 -19.19
N VAL A 161 30.61 21.79 -19.98
CA VAL A 161 29.24 21.21 -20.12
C VAL A 161 28.98 20.22 -18.96
N VAL A 162 27.94 20.48 -18.17
CA VAL A 162 27.57 19.62 -17.01
C VAL A 162 26.12 19.17 -17.26
N THR A 163 25.91 17.86 -17.26
CA THR A 163 24.59 17.20 -17.32
C THR A 163 24.24 16.66 -15.95
N ILE A 164 23.12 17.13 -15.40
CA ILE A 164 22.67 16.74 -14.04
C ILE A 164 21.29 16.08 -14.14
N THR A 165 21.20 14.89 -13.56
CA THR A 165 19.93 14.14 -13.53
C THR A 165 19.34 14.30 -12.14
N ILE A 166 18.13 14.86 -12.07
CA ILE A 166 17.46 15.26 -10.80
C ILE A 166 16.12 14.55 -10.63
N MET A 167 15.63 14.59 -9.40
CA MET A 167 14.40 13.94 -8.93
C MET A 167 13.76 14.80 -7.86
N PRO A 168 12.41 15.01 -7.92
CA PRO A 168 11.70 15.63 -6.81
C PRO A 168 12.06 14.93 -5.49
N ALA A 169 12.33 15.74 -4.47
CA ALA A 169 12.79 15.31 -3.12
C ALA A 169 11.78 14.38 -2.45
N PHE A 170 10.49 14.70 -2.49
N PHE A 170 10.49 14.68 -2.57
CA PHE A 170 9.45 13.82 -1.92
CA PHE A 170 9.38 13.88 -1.98
C PHE A 170 9.62 12.40 -2.49
C PHE A 170 9.34 12.47 -2.58
N ILE A 171 9.84 12.28 -3.80
CA ILE A 171 9.88 10.96 -4.48
C ILE A 171 11.21 10.30 -4.14
N PHE A 172 12.27 11.08 -4.20
CA PHE A 172 13.60 10.64 -3.73
C PHE A 172 13.51 10.05 -2.29
N GLU A 173 12.95 10.80 -1.35
CA GLU A 173 12.85 10.43 0.09
C GLU A 173 11.96 9.20 0.24
N HIS A 174 10.93 9.06 -0.59
CA HIS A 174 10.11 7.82 -0.59
C HIS A 174 10.92 6.59 -1.02
N ILE A 175 11.77 6.72 -2.05
CA ILE A 175 12.52 5.57 -2.62
C ILE A 175 13.60 5.08 -1.62
N ILE A 176 14.36 5.97 -1.01
CA ILE A 176 15.54 5.61 -0.19
C ILE A 176 15.14 5.30 1.26
N LYS A 177 13.88 5.55 1.62
CA LYS A 177 13.30 5.23 2.96
C LYS A 177 13.66 3.79 3.33
N ARG A 178 14.15 3.59 4.56
CA ARG A 178 14.48 2.25 5.14
C ARG A 178 15.74 1.66 4.47
N MET A 179 16.60 2.51 3.89
CA MET A 179 18.00 2.16 3.50
C MET A 179 18.96 3.09 4.27
N ALA A 180 19.78 2.52 5.17
CA ALA A 180 20.72 3.23 6.06
C ALA A 180 21.75 4.00 5.21
N PRO A 181 22.07 5.26 5.56
CA PRO A 181 22.86 6.14 4.71
C PRO A 181 24.24 5.55 4.32
N SER A 182 24.84 4.71 5.18
CA SER A 182 26.15 4.06 4.96
C SER A 182 26.05 3.10 3.76
N ILE A 183 24.96 2.32 3.66
CA ILE A 183 24.76 1.35 2.53
C ILE A 183 24.79 2.15 1.20
N MET A 184 24.22 3.38 1.19
CA MET A 184 24.13 4.27 -0.01
C MET A 184 25.56 4.67 -0.38
N LYS A 185 26.34 5.25 0.55
CA LYS A 185 27.78 5.60 0.35
C LYS A 185 28.63 4.37 0.00
N SER A 186 28.50 3.27 0.75
CA SER A 186 29.38 2.08 0.64
C SER A 186 29.19 1.44 -0.73
N LEU A 187 27.93 1.07 -1.05
CA LEU A 187 27.65 -0.04 -2.01
C LEU A 187 26.92 0.40 -3.29
N MET A 188 26.08 1.45 -3.27
CA MET A 188 25.50 2.11 -4.48
C MET A 188 26.62 2.36 -5.52
N ASP A 189 26.45 1.73 -6.67
CA ASP A 189 27.37 1.85 -7.82
C ASP A 189 27.57 3.34 -8.14
N HIS A 190 28.78 3.87 -7.89
CA HIS A 190 29.18 5.24 -8.26
C HIS A 190 30.16 5.26 -9.44
N THR A 191 30.39 4.14 -10.13
CA THR A 191 31.44 4.09 -11.19
C THR A 191 30.87 4.55 -12.55
N ILE A 192 31.76 5.03 -13.41
CA ILE A 192 31.53 5.22 -14.88
C ILE A 192 31.34 3.82 -15.43
N PRO A 193 30.33 3.58 -16.30
CA PRO A 193 30.11 2.27 -16.92
C PRO A 193 31.23 1.85 -17.88
N GLU A 194 31.41 0.54 -18.06
CA GLU A 194 32.49 -0.04 -18.89
C GLU A 194 31.95 -0.40 -20.27
N VAL A 195 32.81 -0.40 -21.30
CA VAL A 195 32.40 -0.47 -22.73
C VAL A 195 33.04 -1.69 -23.40
N ALA B 3 14.27 -31.17 17.57
CA ALA B 3 14.84 -30.26 18.61
C ALA B 3 16.33 -30.58 18.89
N GLU B 4 16.79 -31.76 18.42
CA GLU B 4 18.18 -32.34 18.53
C GLU B 4 19.24 -31.27 18.18
N ILE B 5 20.18 -30.97 19.08
CA ILE B 5 21.34 -30.04 18.84
C ILE B 5 22.20 -30.65 17.71
N LYS B 6 22.25 -30.04 16.53
CA LYS B 6 23.10 -30.48 15.39
C LYS B 6 24.56 -30.12 15.68
N GLN B 7 25.48 -31.06 15.42
CA GLN B 7 26.94 -30.87 15.63
C GLN B 7 27.54 -30.23 14.37
N GLY B 8 28.75 -29.67 14.50
CA GLY B 8 29.37 -28.92 13.43
C GLY B 8 28.55 -27.68 13.08
N ILE B 9 28.61 -27.30 11.81
CA ILE B 9 28.41 -25.92 11.34
C ILE B 9 27.47 -25.93 10.14
N ARG B 10 26.51 -24.98 10.04
CA ARG B 10 25.81 -24.79 8.75
C ARG B 10 25.80 -23.32 8.30
N GLU B 11 25.50 -23.14 7.03
CA GLU B 11 25.42 -21.86 6.31
C GLU B 11 23.95 -21.52 6.25
N VAL B 12 23.57 -20.33 6.67
CA VAL B 12 22.18 -19.82 6.45
C VAL B 12 22.32 -18.55 5.60
N ILE B 13 21.31 -18.25 4.79
CA ILE B 13 21.28 -17.09 3.86
C ILE B 13 20.06 -16.24 4.22
N LEU B 14 20.26 -14.97 4.55
CA LEU B 14 19.16 -14.02 4.88
C LEU B 14 19.13 -12.91 3.87
N CYS B 15 17.95 -12.32 3.74
CA CYS B 15 17.56 -11.16 2.90
C CYS B 15 16.90 -10.17 3.86
N LYS B 16 17.49 -9.01 4.11
CA LYS B 16 16.83 -7.93 4.89
C LYS B 16 15.47 -7.61 4.28
N ASP B 17 14.48 -7.37 5.12
CA ASP B 17 13.09 -7.11 4.66
C ASP B 17 12.99 -5.66 4.16
N GLN B 18 11.79 -5.22 3.80
CA GLN B 18 11.59 -3.88 3.18
C GLN B 18 11.83 -2.78 4.21
N ASP B 19 11.89 -3.07 5.51
CA ASP B 19 12.28 -2.05 6.52
C ASP B 19 13.77 -2.07 6.84
N GLY B 20 14.56 -2.92 6.15
CA GLY B 20 16.02 -3.02 6.30
C GLY B 20 16.41 -3.93 7.47
N LYS B 21 15.43 -4.67 8.00
CA LYS B 21 15.50 -5.47 9.23
C LYS B 21 15.84 -6.94 8.96
N ILE B 22 16.60 -7.55 9.86
CA ILE B 22 16.86 -9.02 9.83
C ILE B 22 16.05 -9.69 10.95
N GLY B 23 15.81 -8.97 12.05
CA GLY B 23 15.06 -9.51 13.19
C GLY B 23 15.96 -10.25 14.19
N LEU B 24 17.23 -9.85 14.38
CA LEU B 24 18.20 -10.50 15.30
C LEU B 24 18.71 -9.47 16.30
N ARG B 25 19.04 -9.93 17.51
CA ARG B 25 20.01 -9.21 18.33
C ARG B 25 21.10 -10.20 18.70
N LEU B 26 22.32 -9.68 18.67
CA LEU B 26 23.61 -10.40 18.87
C LEU B 26 24.26 -9.87 20.13
N LYS B 27 24.89 -10.79 20.88
CA LYS B 27 25.61 -10.57 22.15
C LYS B 27 26.94 -11.33 22.12
N SER B 28 28.01 -10.63 22.53
CA SER B 28 29.40 -11.12 22.73
C SER B 28 29.47 -11.99 24.00
N ILE B 29 29.81 -13.27 23.85
CA ILE B 29 30.06 -14.21 24.98
C ILE B 29 31.38 -14.96 24.73
N ASP B 30 32.31 -14.86 25.68
CA ASP B 30 33.59 -15.63 25.72
C ASP B 30 34.27 -15.45 24.36
N ASN B 31 34.25 -14.23 23.82
CA ASN B 31 34.84 -13.79 22.53
C ASN B 31 34.21 -14.46 21.32
N GLY B 32 33.02 -14.99 21.46
CA GLY B 32 32.20 -15.34 20.30
C GLY B 32 31.05 -14.36 20.22
N ILE B 33 30.17 -14.59 19.22
CA ILE B 33 28.88 -13.86 19.06
C ILE B 33 27.74 -14.86 19.06
N PHE B 34 26.72 -14.58 19.89
CA PHE B 34 25.53 -15.45 20.05
C PHE B 34 24.22 -14.66 19.86
N VAL B 35 23.16 -15.35 19.54
CA VAL B 35 21.83 -14.74 19.25
C VAL B 35 21.09 -14.55 20.57
N GLN B 36 20.79 -13.33 20.97
CA GLN B 36 20.02 -13.13 22.24
C GLN B 36 18.55 -12.93 21.92
N LEU B 37 18.20 -12.68 20.66
CA LEU B 37 16.78 -12.46 20.25
C LEU B 37 16.63 -12.77 18.76
N VAL B 38 15.68 -13.62 18.47
CA VAL B 38 15.08 -13.74 17.10
C VAL B 38 13.61 -13.21 17.15
N GLN B 39 13.23 -12.39 16.16
CA GLN B 39 11.83 -11.81 16.06
C GLN B 39 10.89 -12.74 15.29
N ALA B 40 9.70 -13.01 15.80
CA ALA B 40 8.66 -13.75 15.04
C ALA B 40 8.49 -13.09 13.66
N ASN B 41 8.17 -13.84 12.61
CA ASN B 41 7.88 -13.25 11.28
C ASN B 41 9.02 -12.31 10.85
N SER B 42 10.26 -12.74 10.96
CA SER B 42 11.46 -11.98 10.53
C SER B 42 12.17 -12.81 9.48
N PRO B 43 13.06 -12.22 8.64
CA PRO B 43 13.93 -13.06 7.81
C PRO B 43 14.67 -14.08 8.71
N ALA B 44 14.99 -13.68 9.93
CA ALA B 44 15.78 -14.56 10.82
C ALA B 44 14.92 -15.76 11.27
N SER B 45 13.68 -15.55 11.73
CA SER B 45 12.76 -16.67 12.12
C SER B 45 12.50 -17.55 10.90
N LEU B 46 12.17 -16.96 9.76
CA LEU B 46 11.98 -17.68 8.47
C LEU B 46 13.16 -18.63 8.16
N VAL B 47 14.42 -18.22 8.33
CA VAL B 47 15.56 -19.13 7.98
C VAL B 47 15.86 -20.11 9.11
N GLY B 48 15.10 -20.13 10.21
CA GLY B 48 15.36 -21.09 11.30
C GLY B 48 16.54 -20.71 12.16
N LEU B 49 16.88 -19.42 12.26
CA LEU B 49 17.88 -19.02 13.29
C LEU B 49 17.23 -19.07 14.69
N ARG B 50 18.01 -19.38 15.74
CA ARG B 50 17.42 -19.61 17.09
C ARG B 50 18.25 -18.92 18.18
N PHE B 51 17.55 -18.56 19.25
CA PHE B 51 18.16 -18.08 20.51
C PHE B 51 19.24 -19.09 20.88
N GLY B 52 20.42 -18.60 21.22
CA GLY B 52 21.55 -19.48 21.59
C GLY B 52 22.45 -19.81 20.40
N ASP B 53 22.01 -19.69 19.14
CA ASP B 53 22.91 -19.97 17.99
C ASP B 53 24.14 -19.09 18.17
N GLN B 54 25.30 -19.65 17.83
CA GLN B 54 26.60 -18.95 17.68
C GLN B 54 26.79 -18.54 16.20
N VAL B 55 27.14 -17.28 15.97
CA VAL B 55 27.53 -16.82 14.62
C VAL B 55 29.04 -16.77 14.53
N LEU B 56 29.62 -17.63 13.69
CA LEU B 56 31.09 -17.77 13.48
C LEU B 56 31.48 -16.72 12.46
N GLN B 57 30.64 -16.53 11.45
CA GLN B 57 30.90 -15.50 10.43
C GLN B 57 29.64 -14.85 9.85
N ILE B 58 29.86 -13.67 9.31
CA ILE B 58 28.86 -12.89 8.53
C ILE B 58 29.52 -12.46 7.23
N ASN B 59 29.01 -12.91 6.08
CA ASN B 59 29.54 -12.51 4.78
C ASN B 59 31.02 -12.91 4.76
N GLY B 60 31.36 -14.03 5.42
CA GLY B 60 32.72 -14.60 5.36
C GLY B 60 33.70 -13.81 6.19
N GLU B 61 33.27 -12.89 7.06
CA GLU B 61 34.17 -12.34 8.10
C GLU B 61 33.90 -13.03 9.44
N ASN B 62 34.98 -13.35 10.17
CA ASN B 62 34.94 -14.08 11.45
C ASN B 62 34.42 -13.16 12.55
N CYS B 63 33.53 -13.61 13.39
CA CYS B 63 32.94 -12.82 14.49
C CYS B 63 33.83 -12.80 15.73
N ALA B 64 34.88 -13.64 15.77
CA ALA B 64 35.69 -13.85 16.97
C ALA B 64 36.17 -12.50 17.49
N GLY B 65 35.95 -12.21 18.78
CA GLY B 65 36.40 -10.97 19.42
C GLY B 65 35.49 -9.79 19.09
N TRP B 66 34.44 -9.95 18.30
CA TRP B 66 33.61 -8.75 18.00
C TRP B 66 32.81 -8.34 19.23
N SER B 67 32.73 -7.06 19.56
CA SER B 67 31.73 -6.57 20.56
C SER B 67 30.32 -6.74 19.95
N SER B 68 29.27 -6.69 20.76
CA SER B 68 27.85 -6.74 20.29
C SER B 68 27.61 -5.53 19.39
N ASP B 69 28.18 -4.37 19.73
CA ASP B 69 28.08 -3.10 18.95
C ASP B 69 28.67 -3.34 17.57
N LYS B 70 29.85 -3.97 17.47
CA LYS B 70 30.46 -4.20 16.13
C LYS B 70 29.58 -5.13 15.31
N ALA B 71 29.08 -6.20 15.91
CA ALA B 71 28.20 -7.16 15.19
C ALA B 71 26.95 -6.44 14.63
N HIS B 72 26.30 -5.61 15.44
CA HIS B 72 25.05 -4.86 15.09
C HIS B 72 25.35 -3.86 13.97
N LYS B 73 26.55 -3.31 14.01
CA LYS B 73 27.02 -2.33 13.02
C LYS B 73 27.21 -3.09 11.70
N VAL B 74 27.84 -4.26 11.76
CA VAL B 74 28.09 -5.03 10.50
C VAL B 74 26.72 -5.37 9.86
N LEU B 75 25.72 -5.65 10.69
CA LEU B 75 24.38 -6.02 10.16
C LEU B 75 23.66 -4.78 9.61
N LYS B 76 23.77 -3.68 10.33
CA LYS B 76 23.19 -2.40 9.87
C LYS B 76 23.81 -2.06 8.52
N GLN B 77 25.10 -2.34 8.29
CA GLN B 77 25.86 -1.90 7.09
C GLN B 77 25.76 -2.91 5.95
N ALA B 78 25.17 -4.09 6.17
CA ALA B 78 25.14 -5.14 5.13
C ALA B 78 24.12 -4.83 4.01
N PHE B 79 24.48 -4.90 2.72
CA PHE B 79 23.53 -5.00 1.57
C PHE B 79 22.46 -6.05 1.91
N GLY B 80 21.19 -5.76 1.66
CA GLY B 80 20.13 -6.63 2.19
C GLY B 80 19.85 -7.81 1.29
N GLU B 81 20.44 -7.87 0.08
CA GLU B 81 20.02 -8.89 -0.91
C GLU B 81 20.33 -10.29 -0.36
N LYS B 82 21.56 -10.50 0.08
CA LYS B 82 22.06 -11.84 0.54
C LYS B 82 23.19 -11.66 1.59
N ILE B 83 22.85 -12.06 2.80
CA ILE B 83 23.70 -12.04 4.00
C ILE B 83 23.95 -13.52 4.29
N THR B 84 25.18 -13.96 4.22
CA THR B 84 25.57 -15.34 4.60
C THR B 84 25.99 -15.33 6.06
N MET B 85 25.39 -16.24 6.83
CA MET B 85 25.89 -16.55 8.17
C MET B 85 26.35 -18.01 8.29
N THR B 86 27.53 -18.21 8.88
CA THR B 86 27.97 -19.53 9.36
C THR B 86 27.56 -19.68 10.83
N ILE B 87 26.81 -20.73 11.10
CA ILE B 87 26.15 -20.97 12.41
C ILE B 87 26.67 -22.26 13.03
N ARG B 88 26.94 -22.25 14.32
CA ARG B 88 26.95 -23.44 15.18
C ARG B 88 25.64 -23.45 15.96
N ASP B 89 24.97 -24.58 15.97
CA ASP B 89 23.59 -24.72 16.49
C ASP B 89 23.63 -24.75 18.02
N ARG B 90 22.98 -23.78 18.68
CA ARG B 90 22.79 -23.66 20.17
C ARG B 90 23.87 -24.36 21.03
N PRO B 91 25.16 -23.99 20.95
CA PRO B 91 26.25 -24.74 21.59
C PRO B 91 26.27 -24.75 23.13
N PHE B 92 25.60 -23.82 23.80
CA PHE B 92 25.47 -23.80 25.27
C PHE B 92 24.25 -24.59 25.72
N GLU B 93 23.51 -25.20 24.81
CA GLU B 93 22.27 -25.90 25.16
C GLU B 93 22.32 -27.38 24.82
N ARG B 94 21.43 -28.15 25.41
CA ARG B 94 21.33 -29.62 25.33
C ARG B 94 19.83 -29.91 25.38
N THR B 95 19.36 -30.98 24.78
CA THR B 95 17.94 -31.37 24.90
C THR B 95 17.84 -32.65 25.68
N ILE B 96 16.80 -32.74 26.49
CA ILE B 96 16.42 -33.93 27.28
C ILE B 96 15.02 -34.31 26.81
N THR B 97 14.82 -35.61 26.53
CA THR B 97 13.50 -36.19 26.17
C THR B 97 12.97 -36.99 27.35
N MET B 98 11.73 -36.72 27.71
CA MET B 98 11.02 -37.30 28.87
C MET B 98 9.60 -37.78 28.46
N HIS B 99 8.99 -38.64 29.26
CA HIS B 99 7.64 -39.24 29.02
C HIS B 99 6.74 -38.86 30.18
N LYS B 100 5.64 -38.20 29.89
CA LYS B 100 4.65 -37.83 30.91
C LYS B 100 4.25 -39.14 31.55
N ASP B 101 4.06 -39.15 32.86
CA ASP B 101 3.53 -40.34 33.57
C ASP B 101 2.00 -40.25 33.45
N SER B 102 1.25 -41.09 34.16
CA SER B 102 -0.22 -41.20 34.05
C SER B 102 -0.89 -39.92 34.58
N THR B 103 -0.23 -39.14 35.46
CA THR B 103 -0.77 -37.83 35.94
C THR B 103 -0.49 -36.73 34.90
N GLY B 104 0.20 -37.01 33.79
CA GLY B 104 0.67 -35.98 32.83
C GLY B 104 1.91 -35.18 33.27
N HIS B 105 2.72 -35.65 34.25
CA HIS B 105 3.92 -34.93 34.77
C HIS B 105 5.19 -35.61 34.30
N VAL B 106 6.23 -34.83 33.97
CA VAL B 106 7.56 -35.35 33.58
C VAL B 106 8.48 -35.35 34.80
N GLY B 107 8.24 -34.42 35.74
CA GLY B 107 8.80 -34.51 37.10
C GLY B 107 9.73 -33.39 37.47
N PHE B 108 9.37 -32.13 37.26
CA PHE B 108 10.21 -31.07 37.85
C PHE B 108 9.38 -29.88 38.34
N ILE B 109 10.06 -29.11 39.18
CA ILE B 109 9.59 -27.79 39.65
C ILE B 109 10.48 -26.77 38.97
N PHE B 110 9.87 -25.68 38.52
CA PHE B 110 10.64 -24.53 38.01
C PHE B 110 9.97 -23.24 38.45
N LYS B 111 10.74 -22.17 38.46
CA LYS B 111 10.36 -20.80 38.82
C LYS B 111 11.11 -19.82 37.91
N ASN B 112 10.41 -18.85 37.33
CA ASN B 112 11.03 -17.89 36.36
C ASN B 112 11.74 -18.65 35.21
N GLY B 113 11.16 -19.72 34.70
CA GLY B 113 11.78 -20.46 33.60
C GLY B 113 13.03 -21.26 34.05
N LYS B 114 13.41 -21.20 35.32
CA LYS B 114 14.60 -21.94 35.82
C LYS B 114 14.15 -23.19 36.59
N ILE B 115 14.69 -24.35 36.20
CA ILE B 115 14.42 -25.65 36.88
C ILE B 115 15.06 -25.62 38.27
N THR B 116 14.29 -25.87 39.34
CA THR B 116 14.82 -25.75 40.73
C THR B 116 14.72 -27.07 41.46
N SER B 117 13.99 -28.04 40.97
CA SER B 117 13.85 -29.31 41.70
C SER B 117 13.51 -30.42 40.70
N ILE B 118 13.98 -31.62 40.97
CA ILE B 118 13.72 -32.84 40.17
C ILE B 118 12.93 -33.78 41.05
N VAL B 119 11.78 -34.22 40.59
CA VAL B 119 10.91 -35.09 41.43
C VAL B 119 11.53 -36.49 41.42
N LYS B 120 11.50 -37.17 42.57
CA LYS B 120 11.95 -38.56 42.81
C LYS B 120 11.22 -39.53 41.88
N ASP B 121 11.96 -40.41 41.19
CA ASP B 121 11.43 -41.53 40.35
C ASP B 121 10.46 -41.01 39.29
N SER B 122 10.78 -39.87 38.67
CA SER B 122 10.09 -39.29 37.48
C SER B 122 10.91 -39.55 36.21
N SER B 123 10.34 -39.25 35.05
CA SER B 123 11.05 -39.28 33.75
C SER B 123 12.26 -38.31 33.83
N ALA B 124 12.05 -37.15 34.47
CA ALA B 124 13.12 -36.11 34.65
C ALA B 124 14.27 -36.75 35.42
N ALA B 125 13.97 -37.44 36.52
CA ALA B 125 14.99 -38.19 37.28
C ALA B 125 15.65 -39.23 36.37
N ARG B 126 14.91 -40.09 35.65
CA ARG B 126 15.58 -41.20 34.89
C ARG B 126 16.44 -40.63 33.78
N ASN B 127 16.07 -39.46 33.23
CA ASN B 127 16.77 -38.82 32.08
C ASN B 127 17.79 -37.75 32.50
N GLY B 128 18.04 -37.52 33.81
CA GLY B 128 19.14 -36.66 34.33
C GLY B 128 18.95 -35.17 34.03
N LEU B 129 17.72 -34.69 34.07
CA LEU B 129 17.42 -33.25 34.07
C LEU B 129 18.13 -32.65 35.30
N LEU B 130 18.69 -31.48 35.10
CA LEU B 130 19.56 -30.76 36.03
C LEU B 130 18.77 -29.56 36.59
N THR B 131 19.03 -29.15 37.82
CA THR B 131 18.46 -27.88 38.32
C THR B 131 19.36 -26.74 37.91
N GLU B 132 18.99 -25.50 38.20
CA GLU B 132 19.86 -24.33 37.91
C GLU B 132 20.13 -24.26 36.39
N HIS B 133 19.13 -24.67 35.60
CA HIS B 133 19.17 -24.61 34.13
C HIS B 133 17.89 -23.90 33.66
N ASN B 134 18.04 -22.95 32.77
CA ASN B 134 16.87 -22.23 32.23
C ASN B 134 16.26 -23.10 31.14
N ILE B 135 14.96 -23.07 31.05
CA ILE B 135 14.21 -23.74 29.98
C ILE B 135 14.18 -22.83 28.77
N CYS B 136 14.70 -23.27 27.60
CA CYS B 136 14.83 -22.38 26.43
C CYS B 136 13.75 -22.77 25.42
N GLU B 137 13.52 -24.07 25.27
CA GLU B 137 12.57 -24.54 24.25
C GLU B 137 11.85 -25.74 24.83
N ILE B 138 10.60 -25.88 24.42
CA ILE B 138 9.79 -27.11 24.66
C ILE B 138 9.38 -27.63 23.30
N ASN B 139 9.70 -28.89 23.00
CA ASN B 139 9.43 -29.46 21.65
C ASN B 139 9.95 -28.52 20.57
N GLY B 140 11.11 -27.89 20.81
CA GLY B 140 11.73 -27.02 19.78
C GLY B 140 11.04 -25.65 19.64
N GLN B 141 10.05 -25.38 20.45
CA GLN B 141 9.41 -24.06 20.53
C GLN B 141 10.09 -23.17 21.61
N ASN B 142 10.59 -22.01 21.21
CA ASN B 142 11.20 -20.99 22.09
C ASN B 142 10.15 -20.51 23.11
N VAL B 143 10.46 -20.53 24.41
CA VAL B 143 9.53 -20.12 25.50
C VAL B 143 10.19 -19.04 26.36
N ILE B 144 11.19 -18.37 25.82
CA ILE B 144 11.98 -17.37 26.56
C ILE B 144 11.18 -16.08 26.63
N GLY B 145 11.02 -15.59 27.84
CA GLY B 145 10.15 -14.43 28.14
C GLY B 145 8.69 -14.84 28.39
N LEU B 146 8.22 -16.06 28.13
CA LEU B 146 6.89 -16.52 28.58
C LEU B 146 6.81 -16.59 30.13
N LYS B 147 5.59 -16.50 30.68
CA LYS B 147 5.35 -16.57 32.15
C LYS B 147 5.27 -18.04 32.56
N ASP B 148 5.65 -18.37 33.78
CA ASP B 148 5.69 -19.77 34.24
C ASP B 148 4.40 -20.49 33.88
N SER B 149 3.27 -19.79 33.83
CA SER B 149 1.96 -20.44 33.56
C SER B 149 1.88 -20.75 32.07
N GLN B 150 2.38 -19.84 31.23
CA GLN B 150 2.39 -20.05 29.76
C GLN B 150 3.26 -21.29 29.46
N ILE B 151 4.48 -21.38 30.04
CA ILE B 151 5.35 -22.60 29.93
C ILE B 151 4.59 -23.81 30.47
N ALA B 152 3.93 -23.70 31.61
CA ALA B 152 3.15 -24.84 32.15
C ALA B 152 2.08 -25.30 31.16
N ASP B 153 1.31 -24.37 30.59
CA ASP B 153 0.23 -24.69 29.63
C ASP B 153 0.80 -25.47 28.44
N ILE B 154 1.94 -25.01 27.89
CA ILE B 154 2.62 -25.65 26.72
C ILE B 154 3.09 -27.06 27.12
N LEU B 155 3.64 -27.24 28.31
CA LEU B 155 3.99 -28.62 28.73
C LEU B 155 2.72 -29.44 28.72
N SER B 156 1.61 -28.86 29.18
CA SER B 156 0.34 -29.59 29.38
C SER B 156 -0.24 -29.97 28.02
N THR B 157 -0.20 -29.07 27.02
CA THR B 157 -0.83 -29.33 25.70
C THR B 157 0.16 -30.05 24.81
N SER B 158 1.35 -30.39 25.30
CA SER B 158 2.27 -31.31 24.58
C SER B 158 1.71 -32.74 24.69
N GLY B 159 2.12 -33.66 23.82
CA GLY B 159 1.83 -35.09 23.96
C GLY B 159 2.65 -35.73 25.06
N THR B 160 2.75 -37.05 25.11
CA THR B 160 3.40 -37.82 26.19
C THR B 160 4.90 -37.55 26.16
N VAL B 161 5.41 -37.46 24.97
CA VAL B 161 6.86 -37.32 24.72
C VAL B 161 7.15 -35.83 24.67
N VAL B 162 7.92 -35.34 25.64
CA VAL B 162 8.27 -33.90 25.80
C VAL B 162 9.81 -33.82 25.70
N THR B 163 10.32 -32.98 24.81
CA THR B 163 11.76 -32.65 24.70
C THR B 163 11.89 -31.25 25.27
N ILE B 164 12.86 -31.05 26.17
CA ILE B 164 13.17 -29.70 26.73
C ILE B 164 14.59 -29.37 26.32
N THR B 165 14.78 -28.17 25.83
CA THR B 165 16.11 -27.61 25.53
C THR B 165 16.51 -26.70 26.72
N ILE B 166 17.63 -26.99 27.39
CA ILE B 166 18.00 -26.31 28.65
C ILE B 166 19.37 -25.66 28.46
N MET B 167 19.68 -24.66 29.29
CA MET B 167 20.93 -23.89 29.24
C MET B 167 21.30 -23.62 30.70
N PRO B 168 22.59 -23.85 31.11
CA PRO B 168 23.03 -23.44 32.44
C PRO B 168 22.64 -21.97 32.72
N ALA B 169 22.02 -21.74 33.87
CA ALA B 169 21.45 -20.44 34.28
C ALA B 169 22.48 -19.32 34.15
N PHE B 170 23.71 -19.55 34.60
N PHE B 170 23.70 -19.51 34.65
CA PHE B 170 24.79 -18.55 34.61
CA PHE B 170 24.76 -18.47 34.59
C PHE B 170 25.06 -18.06 33.17
C PHE B 170 24.94 -18.01 33.12
N ILE B 171 24.98 -18.97 32.18
CA ILE B 171 25.26 -18.60 30.76
C ILE B 171 24.01 -17.87 30.24
N PHE B 172 22.85 -18.37 30.61
CA PHE B 172 21.57 -17.75 30.20
C PHE B 172 21.48 -16.32 30.78
N GLU B 173 21.82 -16.13 32.05
CA GLU B 173 21.77 -14.77 32.63
C GLU B 173 22.78 -13.87 31.87
N HIS B 174 23.90 -14.39 31.36
CA HIS B 174 24.90 -13.61 30.59
C HIS B 174 24.34 -13.20 29.21
N ILE B 175 23.86 -14.18 28.47
CA ILE B 175 23.29 -14.01 27.10
C ILE B 175 22.23 -12.90 27.07
N ILE B 176 21.36 -12.83 28.08
CA ILE B 176 20.21 -11.88 28.03
C ILE B 176 20.63 -10.50 28.58
N LYS B 177 21.86 -10.32 29.04
CA LYS B 177 22.33 -8.94 29.38
C LYS B 177 22.27 -8.00 28.15
N ARG B 178 22.16 -6.69 28.42
CA ARG B 178 22.10 -5.57 27.42
C ARG B 178 20.86 -5.73 26.53
N MET B 179 19.76 -6.27 27.08
CA MET B 179 18.46 -6.37 26.38
C MET B 179 17.38 -6.08 27.40
N ALA B 180 16.43 -5.18 27.07
CA ALA B 180 15.37 -4.76 28.00
C ALA B 180 14.41 -5.92 28.15
N PRO B 181 14.18 -6.39 29.38
CA PRO B 181 13.18 -7.42 29.62
C PRO B 181 11.90 -7.35 28.78
N SER B 182 11.45 -6.12 28.48
CA SER B 182 10.18 -5.82 27.77
C SER B 182 10.33 -6.09 26.27
N ILE B 183 11.52 -5.87 25.71
CA ILE B 183 11.86 -6.22 24.29
C ILE B 183 11.90 -7.77 24.17
N MET B 184 12.59 -8.44 25.10
CA MET B 184 12.71 -9.92 25.17
C MET B 184 11.29 -10.50 25.25
N LYS B 185 10.46 -9.97 26.13
CA LYS B 185 9.09 -10.49 26.38
C LYS B 185 8.20 -10.25 25.17
N SER B 186 8.30 -9.10 24.52
CA SER B 186 7.31 -8.75 23.50
C SER B 186 7.79 -9.20 22.11
N LEU B 187 9.11 -9.31 21.86
CA LEU B 187 9.58 -9.51 20.46
C LEU B 187 9.99 -10.98 20.19
N MET B 188 10.31 -11.78 21.22
CA MET B 188 10.90 -13.15 21.07
C MET B 188 9.96 -14.06 20.26
N ASP B 189 10.56 -14.75 19.29
CA ASP B 189 9.89 -15.73 18.40
C ASP B 189 9.42 -16.90 19.26
N HIS B 190 8.16 -17.27 19.17
CA HIS B 190 7.58 -18.44 19.84
C HIS B 190 6.86 -19.30 18.81
N THR B 191 7.27 -19.21 17.55
CA THR B 191 6.72 -20.06 16.45
C THR B 191 6.85 -21.53 16.81
N ILE B 192 5.89 -22.34 16.38
CA ILE B 192 5.99 -23.82 16.47
C ILE B 192 6.79 -24.29 15.24
N PRO B 193 7.77 -25.20 15.43
CA PRO B 193 8.57 -25.73 14.32
C PRO B 193 7.71 -26.40 13.24
N GLU B 194 7.94 -25.97 12.01
CA GLU B 194 7.27 -26.44 10.78
C GLU B 194 8.16 -27.45 10.07
N VAL B 195 7.57 -28.23 9.19
CA VAL B 195 8.33 -29.06 8.23
C VAL B 195 8.03 -28.49 6.86
N ALA C 3 0.26 14.43 -27.83
CA ALA C 3 0.42 13.72 -26.51
C ALA C 3 1.90 13.72 -26.07
N GLU C 4 2.82 13.11 -26.86
CA GLU C 4 4.23 12.79 -26.45
C GLU C 4 4.93 14.06 -25.94
N ILE C 5 5.59 13.99 -24.77
CA ILE C 5 6.37 15.11 -24.17
C ILE C 5 7.67 15.30 -25.00
N LYS C 6 7.88 16.51 -25.54
CA LYS C 6 9.10 16.94 -26.27
C LYS C 6 10.16 17.35 -25.23
N GLN C 7 11.43 17.10 -25.53
CA GLN C 7 12.60 17.37 -24.63
C GLN C 7 13.24 18.71 -25.01
N GLY C 8 14.06 19.25 -24.12
CA GLY C 8 14.54 20.62 -24.23
C GLY C 8 13.39 21.60 -24.41
N ILE C 9 13.75 22.67 -25.09
CA ILE C 9 13.26 24.03 -24.81
C ILE C 9 12.87 24.62 -26.17
N ARG C 10 11.70 25.21 -26.27
CA ARG C 10 11.36 26.01 -27.48
C ARG C 10 11.01 27.45 -27.07
N GLU C 11 11.06 28.34 -28.06
CA GLU C 11 10.63 29.75 -27.93
C GLU C 11 9.20 29.86 -28.47
N VAL C 12 8.30 30.56 -27.76
CA VAL C 12 6.96 30.95 -28.32
C VAL C 12 6.83 32.48 -28.36
N ILE C 13 6.07 32.97 -29.33
CA ILE C 13 5.83 34.40 -29.62
C ILE C 13 4.32 34.60 -29.51
N LEU C 14 3.87 35.53 -28.67
CA LEU C 14 2.42 35.76 -28.41
C LEU C 14 2.11 37.22 -28.64
N CYS C 15 0.85 37.52 -28.93
CA CYS C 15 0.32 38.91 -28.88
C CYS C 15 -0.91 38.92 -27.97
N LYS C 16 -0.99 39.96 -27.13
CA LYS C 16 -2.17 40.23 -26.28
C LYS C 16 -3.41 40.30 -27.19
N ASP C 17 -4.57 39.76 -26.77
CA ASP C 17 -5.81 39.87 -27.58
C ASP C 17 -6.36 41.30 -27.46
N GLN C 18 -7.53 41.54 -28.07
CA GLN C 18 -8.19 42.86 -28.08
C GLN C 18 -8.61 43.27 -26.65
N ASP C 19 -8.69 42.31 -25.71
CA ASP C 19 -9.03 42.60 -24.29
C ASP C 19 -7.76 42.77 -23.44
N GLY C 20 -6.55 42.78 -24.04
CA GLY C 20 -5.22 42.92 -23.37
C GLY C 20 -4.75 41.67 -22.61
N LYS C 21 -5.18 40.46 -22.98
CA LYS C 21 -4.92 39.20 -22.24
C LYS C 21 -4.22 38.25 -23.19
N ILE C 22 -3.40 37.32 -22.65
CA ILE C 22 -2.89 36.13 -23.42
C ILE C 22 -3.58 34.86 -22.94
N GLY C 23 -4.22 34.89 -21.76
CA GLY C 23 -5.07 33.77 -21.29
C GLY C 23 -4.28 32.73 -20.50
N LEU C 24 -3.47 33.15 -19.54
CA LEU C 24 -2.62 32.27 -18.71
C LEU C 24 -2.84 32.54 -17.25
N ARG C 25 -2.68 31.51 -16.44
CA ARG C 25 -2.30 31.65 -15.02
C ARG C 25 -1.00 30.88 -14.82
N LEU C 26 -0.10 31.49 -14.08
CA LEU C 26 1.27 30.97 -13.80
C LEU C 26 1.40 30.75 -12.30
N LYS C 27 2.31 29.84 -11.86
CA LYS C 27 2.47 29.43 -10.44
C LYS C 27 3.92 29.08 -10.14
N SER C 28 4.43 29.59 -9.02
CA SER C 28 5.79 29.31 -8.49
C SER C 28 5.80 27.88 -7.97
N ILE C 29 6.64 27.03 -8.53
CA ILE C 29 6.91 25.66 -8.05
C ILE C 29 8.43 25.50 -8.05
N ASP C 30 8.99 25.16 -6.90
CA ASP C 30 10.42 24.77 -6.74
C ASP C 30 11.33 25.83 -7.38
N ASN C 31 11.06 27.12 -7.17
CA ASN C 31 11.81 28.29 -7.70
C ASN C 31 11.86 28.30 -9.22
N GLY C 32 10.82 27.71 -9.82
CA GLY C 32 10.52 27.91 -11.24
C GLY C 32 9.09 28.45 -11.39
N ILE C 33 8.69 28.67 -12.63
CA ILE C 33 7.35 29.18 -12.96
C ILE C 33 6.66 28.20 -13.93
N PHE C 34 5.47 27.73 -13.55
CA PHE C 34 4.63 26.81 -14.37
C PHE C 34 3.24 27.37 -14.71
N VAL C 35 2.70 26.85 -15.81
CA VAL C 35 1.32 27.13 -16.30
C VAL C 35 0.31 26.35 -15.47
N GLN C 36 -0.49 27.01 -14.63
CA GLN C 36 -1.57 26.30 -13.89
C GLN C 36 -2.90 26.43 -14.61
N LEU C 37 -2.98 27.31 -15.62
CA LEU C 37 -4.20 27.36 -16.45
C LEU C 37 -3.95 28.11 -17.75
N VAL C 38 -4.43 27.53 -18.84
CA VAL C 38 -4.48 28.11 -20.20
C VAL C 38 -5.97 28.19 -20.53
N GLN C 39 -6.48 29.32 -21.03
CA GLN C 39 -7.93 29.38 -21.42
C GLN C 39 -8.10 28.96 -22.87
N ALA C 40 -9.19 28.25 -23.15
CA ALA C 40 -9.67 27.96 -24.53
C ALA C 40 -9.69 29.27 -25.35
N ASN C 41 -9.27 29.20 -26.61
N ASN C 41 -9.40 29.12 -26.65
CA ASN C 41 -9.50 30.27 -27.63
CA ASN C 41 -9.38 30.20 -27.68
C ASN C 41 -8.55 31.46 -27.39
C ASN C 41 -8.78 31.46 -27.07
N SER C 42 -7.60 31.32 -26.47
CA SER C 42 -6.73 32.44 -26.02
C SER C 42 -5.46 32.43 -26.87
N PRO C 43 -4.71 33.56 -26.91
CA PRO C 43 -3.41 33.58 -27.56
C PRO C 43 -2.47 32.46 -27.08
N ALA C 44 -2.45 32.21 -25.77
CA ALA C 44 -1.65 31.14 -25.11
C ALA C 44 -2.00 29.78 -25.72
N SER C 45 -3.28 29.41 -25.78
CA SER C 45 -3.69 28.06 -26.26
C SER C 45 -3.36 27.91 -27.73
N LEU C 46 -3.50 29.00 -28.50
CA LEU C 46 -3.30 29.02 -29.97
C LEU C 46 -1.82 28.77 -30.30
N VAL C 47 -0.87 29.36 -29.56
CA VAL C 47 0.59 29.19 -29.84
C VAL C 47 1.08 27.86 -29.26
N GLY C 48 0.24 27.15 -28.50
CA GLY C 48 0.52 25.76 -28.06
C GLY C 48 0.95 25.57 -26.61
N LEU C 49 0.70 26.54 -25.71
CA LEU C 49 0.93 26.36 -24.25
C LEU C 49 -0.08 25.41 -23.63
N ARG C 50 0.42 24.65 -22.67
CA ARG C 50 -0.32 23.57 -21.98
C ARG C 50 -0.15 23.70 -20.50
N PHE C 51 -1.21 23.33 -19.79
CA PHE C 51 -1.11 23.08 -18.34
C PHE C 51 0.22 22.41 -18.08
N GLY C 52 1.01 22.89 -17.13
CA GLY C 52 2.18 22.13 -16.66
C GLY C 52 3.45 22.51 -17.39
N ASP C 53 3.39 23.33 -18.45
CA ASP C 53 4.60 23.87 -19.12
C ASP C 53 5.43 24.69 -18.11
N GLN C 54 6.76 24.64 -18.22
CA GLN C 54 7.68 25.47 -17.42
C GLN C 54 8.03 26.68 -18.26
N VAL C 55 7.92 27.87 -17.71
CA VAL C 55 8.32 29.13 -18.38
C VAL C 55 9.69 29.53 -17.82
N LEU C 56 10.71 29.49 -18.65
CA LEU C 56 12.14 29.69 -18.27
C LEU C 56 12.49 31.18 -18.39
N GLN C 57 12.08 31.82 -19.50
CA GLN C 57 12.32 33.27 -19.77
C GLN C 57 11.01 33.91 -20.26
N ILE C 58 10.82 35.18 -19.95
CA ILE C 58 9.76 36.05 -20.51
C ILE C 58 10.49 37.29 -20.98
N ASN C 59 10.44 37.57 -22.29
CA ASN C 59 11.15 38.72 -22.94
C ASN C 59 12.65 38.63 -22.59
N GLY C 60 13.19 37.42 -22.47
CA GLY C 60 14.65 37.17 -22.37
C GLY C 60 15.21 37.32 -20.97
N GLU C 61 14.35 37.54 -19.97
CA GLU C 61 14.67 37.56 -18.53
C GLU C 61 14.34 36.19 -17.93
N ASN C 62 15.19 35.69 -17.04
CA ASN C 62 15.04 34.38 -16.37
C ASN C 62 13.89 34.47 -15.37
N CYS C 63 13.04 33.46 -15.30
CA CYS C 63 11.88 33.40 -14.38
C CYS C 63 12.26 32.81 -13.04
N ALA C 64 13.45 32.21 -12.94
CA ALA C 64 13.92 31.51 -11.73
C ALA C 64 13.70 32.40 -10.48
N GLY C 65 13.10 31.81 -9.44
CA GLY C 65 12.85 32.49 -8.16
C GLY C 65 11.72 33.52 -8.23
N TRP C 66 11.06 33.70 -9.35
CA TRP C 66 9.94 34.69 -9.40
C TRP C 66 8.79 34.16 -8.57
N SER C 67 8.11 35.02 -7.83
CA SER C 67 6.78 34.70 -7.26
C SER C 67 5.77 34.65 -8.41
N SER C 68 4.64 34.00 -8.20
CA SER C 68 3.49 33.96 -9.14
C SER C 68 3.08 35.40 -9.47
N ASP C 69 3.01 36.26 -8.43
CA ASP C 69 2.68 37.70 -8.48
C ASP C 69 3.64 38.44 -9.40
N LYS C 70 4.91 38.18 -9.26
CA LYS C 70 5.92 38.88 -10.08
C LYS C 70 5.67 38.47 -11.54
N ALA C 71 5.52 37.17 -11.79
CA ALA C 71 5.27 36.63 -13.16
C ALA C 71 4.02 37.28 -13.77
N HIS C 72 2.90 37.38 -13.02
CA HIS C 72 1.64 38.03 -13.49
C HIS C 72 1.93 39.50 -13.72
N LYS C 73 2.72 40.15 -12.85
CA LYS C 73 2.90 41.60 -12.97
C LYS C 73 3.76 41.90 -14.22
N VAL C 74 4.74 41.07 -14.50
CA VAL C 74 5.64 41.27 -15.68
C VAL C 74 4.80 41.14 -16.95
N LEU C 75 3.90 40.17 -17.00
CA LEU C 75 3.11 39.97 -18.23
C LEU C 75 2.11 41.14 -18.38
N LYS C 76 1.40 41.49 -17.31
CA LYS C 76 0.43 42.62 -17.25
C LYS C 76 1.08 43.87 -17.85
N GLN C 77 2.36 44.12 -17.55
CA GLN C 77 3.11 45.35 -17.94
C GLN C 77 3.81 45.27 -19.31
N ALA C 78 3.79 44.08 -19.95
CA ALA C 78 4.41 43.83 -21.27
C ALA C 78 3.48 44.31 -22.38
N PHE C 79 3.93 45.31 -23.15
CA PHE C 79 3.13 45.91 -24.26
C PHE C 79 4.03 46.11 -25.49
N GLY C 80 5.33 45.86 -25.33
CA GLY C 80 6.35 46.06 -26.38
C GLY C 80 5.72 45.95 -27.78
N GLU C 81 5.96 44.84 -28.47
CA GLU C 81 5.33 44.49 -29.78
C GLU C 81 4.70 43.10 -29.63
N LYS C 82 5.54 42.07 -29.70
CA LYS C 82 5.22 40.67 -29.32
C LYS C 82 5.69 40.43 -27.89
N ILE C 83 5.24 39.34 -27.28
CA ILE C 83 5.80 38.79 -26.01
C ILE C 83 6.50 37.49 -26.40
N THR C 84 7.73 37.25 -25.91
CA THR C 84 8.46 35.98 -26.14
C THR C 84 8.51 35.24 -24.80
N MET C 85 8.43 33.93 -24.83
CA MET C 85 8.58 33.04 -23.67
C MET C 85 9.44 31.86 -24.13
N THR C 86 10.38 31.44 -23.30
CA THR C 86 11.13 30.18 -23.49
C THR C 86 10.47 29.12 -22.60
N ILE C 87 10.00 28.04 -23.22
CA ILE C 87 9.25 26.95 -22.56
C ILE C 87 10.09 25.67 -22.44
N ARG C 88 9.90 24.94 -21.34
CA ARG C 88 10.21 23.48 -21.25
C ARG C 88 8.87 22.73 -21.18
N ASP C 89 8.71 21.75 -22.04
CA ASP C 89 7.49 20.95 -22.28
C ASP C 89 7.18 20.16 -21.04
N ARG C 90 6.02 20.46 -20.47
CA ARG C 90 5.37 19.70 -19.40
C ARG C 90 6.33 18.84 -18.57
N PRO C 91 7.34 19.39 -17.84
CA PRO C 91 8.40 18.56 -17.26
C PRO C 91 8.01 17.68 -16.07
N PHE C 92 6.90 17.92 -15.38
CA PHE C 92 6.46 17.06 -14.27
C PHE C 92 5.62 15.92 -14.83
N GLU C 93 5.42 15.86 -16.16
CA GLU C 93 4.47 14.85 -16.70
C GLU C 93 5.13 13.83 -17.58
N ARG C 94 4.46 12.69 -17.73
N ARG C 94 4.49 12.67 -17.73
CA ARG C 94 4.86 11.54 -18.57
CA ARG C 94 4.92 11.55 -18.61
C ARG C 94 3.61 11.05 -19.34
C ARG C 94 3.66 10.97 -19.30
N THR C 95 3.79 10.54 -20.55
CA THR C 95 2.67 9.88 -21.31
C THR C 95 2.85 8.36 -21.30
N ILE C 96 1.78 7.63 -21.10
CA ILE C 96 1.77 6.14 -21.13
C ILE C 96 0.79 5.75 -22.24
N THR C 97 1.19 4.81 -23.11
CA THR C 97 0.34 4.26 -24.19
C THR C 97 -0.19 2.87 -23.83
N MET C 98 -1.50 2.71 -23.98
CA MET C 98 -2.19 1.46 -23.58
C MET C 98 -3.15 1.01 -24.69
N HIS C 99 -3.49 -0.28 -24.68
CA HIS C 99 -4.37 -0.94 -25.70
C HIS C 99 -5.59 -1.48 -24.96
N LYS C 100 -6.81 -1.11 -25.37
CA LYS C 100 -8.00 -1.71 -24.69
C LYS C 100 -8.02 -3.24 -24.92
N ASP C 101 -8.55 -3.98 -23.95
CA ASP C 101 -8.83 -5.42 -24.10
C ASP C 101 -10.14 -5.55 -24.86
N SER C 102 -10.63 -6.78 -25.06
CA SER C 102 -11.84 -7.11 -25.85
C SER C 102 -13.08 -6.40 -25.28
N THR C 103 -13.13 -6.15 -23.96
CA THR C 103 -14.30 -5.48 -23.33
C THR C 103 -14.18 -3.95 -23.34
N GLY C 104 -13.11 -3.36 -23.90
CA GLY C 104 -12.97 -1.89 -24.02
C GLY C 104 -12.40 -1.23 -22.77
N HIS C 105 -11.78 -2.00 -21.88
CA HIS C 105 -11.06 -1.52 -20.68
C HIS C 105 -9.54 -1.50 -20.93
N VAL C 106 -8.86 -0.48 -20.42
CA VAL C 106 -7.37 -0.38 -20.52
C VAL C 106 -6.71 -0.84 -19.22
N GLY C 107 -7.47 -0.84 -18.10
CA GLY C 107 -7.11 -1.58 -16.88
C GLY C 107 -6.70 -0.72 -15.67
N PHE C 108 -7.48 0.35 -15.39
CA PHE C 108 -7.28 1.22 -14.20
C PHE C 108 -8.60 1.86 -13.72
N ILE C 109 -8.60 2.21 -12.43
CA ILE C 109 -9.69 2.89 -11.68
C ILE C 109 -9.20 4.28 -11.24
N PHE C 110 -10.04 5.30 -11.35
CA PHE C 110 -9.69 6.70 -10.96
C PHE C 110 -10.90 7.33 -10.25
N LYS C 111 -10.63 8.32 -9.42
CA LYS C 111 -11.63 9.13 -8.67
C LYS C 111 -11.06 10.54 -8.58
N ASN C 112 -11.86 11.56 -8.86
CA ASN C 112 -11.45 12.99 -9.02
C ASN C 112 -10.23 13.09 -9.92
N GLY C 113 -10.18 12.31 -11.00
CA GLY C 113 -9.15 12.34 -12.06
C GLY C 113 -7.81 11.79 -11.58
N LYS C 114 -7.79 11.14 -10.43
CA LYS C 114 -6.57 10.52 -9.82
C LYS C 114 -6.64 9.00 -9.94
N ILE C 115 -5.64 8.37 -10.52
CA ILE C 115 -5.62 6.88 -10.68
C ILE C 115 -5.46 6.25 -9.31
N THR C 116 -6.33 5.29 -8.93
CA THR C 116 -6.42 4.73 -7.56
C THR C 116 -6.12 3.23 -7.58
N SER C 117 -6.24 2.55 -8.72
CA SER C 117 -5.76 1.14 -8.79
C SER C 117 -5.55 0.67 -10.21
N ILE C 118 -4.63 -0.29 -10.35
CA ILE C 118 -4.21 -0.94 -11.63
C ILE C 118 -4.80 -2.33 -11.60
N VAL C 119 -5.53 -2.73 -12.66
CA VAL C 119 -6.13 -4.10 -12.74
C VAL C 119 -5.04 -5.08 -13.19
N LYS C 120 -4.94 -6.22 -12.50
CA LYS C 120 -4.00 -7.34 -12.78
C LYS C 120 -4.16 -7.78 -14.24
N ASP C 121 -3.03 -7.96 -14.94
CA ASP C 121 -2.96 -8.54 -16.30
C ASP C 121 -3.78 -7.67 -17.27
N SER C 122 -3.73 -6.33 -17.10
CA SER C 122 -4.25 -5.31 -18.05
C SER C 122 -3.08 -4.68 -18.80
N SER C 123 -3.41 -3.89 -19.84
CA SER C 123 -2.43 -3.07 -20.60
C SER C 123 -1.82 -1.99 -19.68
N ALA C 124 -2.59 -1.46 -18.73
CA ALA C 124 -2.14 -0.53 -17.68
C ALA C 124 -1.00 -1.18 -16.86
N ALA C 125 -1.23 -2.40 -16.34
CA ALA C 125 -0.22 -3.23 -15.65
C ALA C 125 1.03 -3.44 -16.53
N ARG C 126 0.86 -3.95 -17.73
CA ARG C 126 1.98 -4.26 -18.65
C ARG C 126 2.81 -3.02 -18.97
N ASN C 127 2.18 -1.85 -19.05
CA ASN C 127 2.87 -0.57 -19.36
C ASN C 127 3.26 0.19 -18.08
N GLY C 128 2.96 -0.34 -16.89
CA GLY C 128 3.46 0.23 -15.62
C GLY C 128 2.83 1.58 -15.32
N LEU C 129 1.53 1.73 -15.55
CA LEU C 129 0.76 2.89 -15.04
C LEU C 129 0.86 2.90 -13.49
N LEU C 130 0.96 4.07 -12.87
CA LEU C 130 1.09 4.21 -11.39
C LEU C 130 -0.19 4.78 -10.78
N THR C 131 -0.42 4.48 -9.51
CA THR C 131 -1.50 5.10 -8.70
C THR C 131 -0.94 6.41 -8.19
N GLU C 132 -1.74 7.16 -7.47
CA GLU C 132 -1.30 8.44 -6.88
C GLU C 132 -0.76 9.34 -8.00
N HIS C 133 -1.37 9.25 -9.18
CA HIS C 133 -1.06 10.12 -10.34
C HIS C 133 -2.35 10.77 -10.85
N ASN C 134 -2.38 12.09 -11.07
CA ASN C 134 -3.50 12.74 -11.79
C ASN C 134 -3.36 12.62 -13.32
N ILE C 135 -4.51 12.39 -13.94
CA ILE C 135 -4.69 12.39 -15.41
C ILE C 135 -4.81 13.85 -15.85
N CYS C 136 -3.85 14.31 -16.67
CA CYS C 136 -3.80 15.67 -17.19
C CYS C 136 -4.42 15.71 -18.60
N GLU C 137 -4.16 14.69 -19.41
CA GLU C 137 -4.67 14.65 -20.79
C GLU C 137 -4.92 13.20 -21.20
N ILE C 138 -5.80 13.06 -22.18
CA ILE C 138 -6.11 11.80 -22.91
C ILE C 138 -5.96 12.11 -24.39
N ASN C 139 -5.09 11.36 -25.06
CA ASN C 139 -4.72 11.52 -26.48
C ASN C 139 -4.57 13.01 -26.78
N GLY C 140 -3.80 13.75 -25.99
CA GLY C 140 -3.43 15.14 -26.33
C GLY C 140 -4.37 16.14 -25.72
N GLN C 141 -5.51 15.68 -25.20
CA GLN C 141 -6.61 16.59 -24.77
C GLN C 141 -6.59 16.75 -23.23
N ASN C 142 -6.39 17.99 -22.79
CA ASN C 142 -6.41 18.43 -21.38
C ASN C 142 -7.75 18.02 -20.77
N VAL C 143 -7.80 17.27 -19.68
CA VAL C 143 -9.12 16.92 -19.08
C VAL C 143 -9.20 17.52 -17.67
N ILE C 144 -8.45 18.56 -17.43
CA ILE C 144 -8.30 19.03 -16.02
C ILE C 144 -9.50 19.91 -15.72
N GLY C 145 -10.27 19.50 -14.72
CA GLY C 145 -11.49 20.22 -14.30
C GLY C 145 -12.74 19.46 -14.68
N LEU C 146 -12.67 18.52 -15.62
CA LEU C 146 -13.80 17.66 -16.09
C LEU C 146 -14.21 16.67 -14.99
N LYS C 147 -15.47 16.25 -14.97
CA LYS C 147 -15.98 15.30 -13.96
C LYS C 147 -15.46 13.92 -14.33
N ASP C 148 -15.54 12.97 -13.41
CA ASP C 148 -15.08 11.59 -13.70
C ASP C 148 -15.91 11.02 -14.86
N SER C 149 -17.21 11.34 -14.92
CA SER C 149 -18.13 10.80 -15.94
C SER C 149 -17.74 11.31 -17.33
N GLN C 150 -17.21 12.53 -17.45
CA GLN C 150 -16.76 13.06 -18.76
C GLN C 150 -15.42 12.40 -19.15
N ILE C 151 -14.47 12.35 -18.20
CA ILE C 151 -13.16 11.64 -18.39
C ILE C 151 -13.50 10.21 -18.83
N ALA C 152 -14.39 9.55 -18.12
CA ALA C 152 -14.76 8.15 -18.45
C ALA C 152 -15.36 8.10 -19.87
N ASP C 153 -16.22 9.06 -20.23
CA ASP C 153 -16.91 9.13 -21.54
C ASP C 153 -15.85 9.29 -22.65
N ILE C 154 -14.84 10.15 -22.45
CA ILE C 154 -13.71 10.37 -23.40
C ILE C 154 -12.87 9.11 -23.55
N LEU C 155 -12.63 8.39 -22.44
CA LEU C 155 -11.87 7.13 -22.53
C LEU C 155 -12.64 6.19 -23.45
N SER C 156 -13.96 6.06 -23.27
CA SER C 156 -14.86 5.17 -24.05
C SER C 156 -14.77 5.43 -25.54
N THR C 157 -14.91 6.70 -25.93
CA THR C 157 -15.04 7.19 -27.34
C THR C 157 -13.66 7.36 -28.00
N SER C 158 -12.59 7.13 -27.25
CA SER C 158 -11.22 6.97 -27.79
C SER C 158 -11.14 5.59 -28.46
N GLY C 159 -10.22 5.39 -29.39
CA GLY C 159 -10.06 4.09 -30.06
C GLY C 159 -9.42 3.12 -29.09
N THR C 160 -8.81 2.08 -29.63
CA THR C 160 -8.28 0.96 -28.81
C THR C 160 -6.93 1.37 -28.22
N VAL C 161 -6.24 2.31 -28.84
CA VAL C 161 -4.94 2.86 -28.39
C VAL C 161 -5.19 4.17 -27.62
N VAL C 162 -5.07 4.11 -26.30
CA VAL C 162 -5.31 5.25 -25.37
C VAL C 162 -3.96 5.75 -24.82
N THR C 163 -3.65 7.02 -25.01
CA THR C 163 -2.44 7.68 -24.46
C THR C 163 -2.87 8.60 -23.33
N ILE C 164 -2.38 8.34 -22.13
CA ILE C 164 -2.72 9.16 -20.93
C ILE C 164 -1.50 10.00 -20.58
N THR C 165 -1.65 11.30 -20.35
CA THR C 165 -0.52 12.10 -19.80
C THR C 165 -0.73 12.24 -18.31
N ILE C 166 0.20 11.79 -17.48
CA ILE C 166 0.02 11.78 -16.00
C ILE C 166 1.06 12.64 -15.29
N MET C 167 0.75 13.01 -14.06
CA MET C 167 1.56 13.85 -13.14
C MET C 167 1.44 13.25 -11.75
N PRO C 168 2.54 13.12 -10.96
CA PRO C 168 2.44 12.67 -9.56
C PRO C 168 1.50 13.61 -8.81
N ALA C 169 0.58 13.04 -8.01
CA ALA C 169 -0.56 13.75 -7.40
C ALA C 169 -0.09 14.91 -6.48
N PHE C 170 0.95 14.70 -5.68
N PHE C 170 0.95 14.71 -5.65
CA PHE C 170 1.48 15.73 -4.74
CA PHE C 170 1.48 15.77 -4.74
C PHE C 170 1.95 16.96 -5.53
C PHE C 170 1.86 17.01 -5.58
N ILE C 171 2.34 16.80 -6.81
CA ILE C 171 2.83 17.92 -7.66
C ILE C 171 1.64 18.63 -8.30
N PHE C 172 0.68 17.85 -8.73
CA PHE C 172 -0.59 18.36 -9.32
C PHE C 172 -1.34 19.24 -8.29
N GLU C 173 -1.50 18.72 -7.09
CA GLU C 173 -2.13 19.45 -5.95
C GLU C 173 -1.37 20.75 -5.69
N HIS C 174 -0.06 20.74 -5.81
CA HIS C 174 0.72 21.98 -5.60
C HIS C 174 0.41 22.96 -6.74
N ILE C 175 0.37 22.48 -7.99
CA ILE C 175 0.28 23.38 -9.17
C ILE C 175 -1.07 24.11 -9.14
N ILE C 176 -2.13 23.46 -8.64
CA ILE C 176 -3.51 24.03 -8.69
C ILE C 176 -3.84 24.79 -7.40
N LYS C 177 -2.90 24.97 -6.48
CA LYS C 177 -3.06 25.94 -5.35
C LYS C 177 -3.20 27.34 -5.94
N ARG C 178 -3.91 28.26 -5.26
CA ARG C 178 -4.08 29.70 -5.63
C ARG C 178 -5.13 29.81 -6.73
N MET C 179 -6.03 28.84 -6.82
CA MET C 179 -7.04 28.78 -7.91
C MET C 179 -8.26 28.05 -7.36
N ALA C 180 -9.44 28.68 -7.46
CA ALA C 180 -10.73 28.09 -7.07
C ALA C 180 -11.01 26.93 -8.02
N PRO C 181 -11.40 25.74 -7.53
CA PRO C 181 -11.84 24.67 -8.42
C PRO C 181 -12.89 25.12 -9.45
N SER C 182 -13.80 26.00 -9.05
CA SER C 182 -14.88 26.59 -9.89
C SER C 182 -14.31 27.33 -11.14
N ILE C 183 -13.17 28.02 -10.97
CA ILE C 183 -12.46 28.79 -12.04
C ILE C 183 -11.82 27.78 -12.99
N MET C 184 -11.06 26.86 -12.42
CA MET C 184 -10.35 25.80 -13.17
C MET C 184 -11.34 25.08 -14.05
N LYS C 185 -12.46 24.64 -13.49
CA LYS C 185 -13.48 23.87 -14.23
C LYS C 185 -14.11 24.73 -15.36
N SER C 186 -14.34 26.04 -15.20
CA SER C 186 -14.99 26.84 -16.27
C SER C 186 -13.99 27.34 -17.30
N LEU C 187 -12.76 27.69 -16.93
CA LEU C 187 -11.79 28.39 -17.83
C LEU C 187 -10.76 27.43 -18.46
N MET C 188 -10.55 26.21 -17.96
CA MET C 188 -9.46 25.34 -18.46
C MET C 188 -9.73 24.92 -19.92
N ASP C 189 -8.84 25.30 -20.83
CA ASP C 189 -8.73 24.78 -22.21
C ASP C 189 -8.91 23.26 -22.21
N HIS C 190 -9.98 22.79 -22.86
CA HIS C 190 -10.26 21.38 -23.23
C HIS C 190 -10.28 21.21 -24.77
N THR C 191 -9.67 22.15 -25.51
CA THR C 191 -9.66 22.23 -27.00
C THR C 191 -9.01 20.98 -27.60
N ILE C 192 -9.47 20.59 -28.80
CA ILE C 192 -8.83 19.58 -29.67
C ILE C 192 -8.29 20.40 -30.83
N PRO C 193 -6.98 20.64 -30.87
CA PRO C 193 -6.46 21.71 -31.73
C PRO C 193 -6.48 21.31 -33.22
N GLU C 194 -6.00 20.08 -33.50
CA GLU C 194 -5.80 19.53 -34.87
C GLU C 194 -6.15 18.04 -34.81
N VAL C 195 -6.91 17.59 -35.81
CA VAL C 195 -7.44 16.19 -35.89
C VAL C 195 -6.68 15.47 -36.99
N ILE D 5 -40.40 -7.52 -3.53
CA ILE D 5 -41.41 -7.65 -2.40
C ILE D 5 -42.67 -8.36 -2.94
N LYS D 6 -42.94 -9.57 -2.46
CA LYS D 6 -44.15 -10.36 -2.83
C LYS D 6 -45.35 -9.82 -2.04
N GLN D 7 -46.48 -9.61 -2.71
CA GLN D 7 -47.71 -9.12 -2.04
C GLN D 7 -48.53 -10.36 -1.62
N GLY D 8 -49.45 -10.16 -0.71
CA GLY D 8 -50.13 -11.24 -0.02
C GLY D 8 -49.25 -11.88 1.04
N ILE D 9 -49.73 -13.05 1.42
CA ILE D 9 -49.45 -13.75 2.68
C ILE D 9 -48.96 -15.15 2.30
N ARG D 10 -47.90 -15.64 2.92
CA ARG D 10 -47.53 -17.08 2.81
C ARG D 10 -47.38 -17.74 4.19
N GLU D 11 -47.42 -19.07 4.20
CA GLU D 11 -47.20 -19.90 5.40
C GLU D 11 -45.75 -20.37 5.39
N VAL D 12 -45.13 -20.41 6.56
CA VAL D 12 -43.79 -21.04 6.72
C VAL D 12 -43.90 -22.00 7.90
N ILE D 13 -43.20 -23.11 7.76
CA ILE D 13 -43.17 -24.24 8.72
C ILE D 13 -41.68 -24.42 8.99
N LEU D 14 -41.26 -24.26 10.24
CA LEU D 14 -39.86 -24.52 10.68
C LEU D 14 -39.88 -25.43 11.92
N CYS D 15 -38.69 -25.89 12.30
CA CYS D 15 -38.42 -26.72 13.49
C CYS D 15 -37.26 -26.07 14.25
N LYS D 16 -37.29 -26.11 15.58
CA LYS D 16 -36.22 -25.52 16.44
C LYS D 16 -34.89 -26.25 16.20
N ASP D 17 -33.75 -25.60 16.36
CA ASP D 17 -32.46 -26.33 16.25
C ASP D 17 -32.22 -27.07 17.57
N GLN D 18 -31.04 -27.64 17.78
CA GLN D 18 -30.75 -28.50 18.96
C GLN D 18 -30.82 -27.69 20.27
N ASP D 19 -30.60 -26.36 20.19
CA ASP D 19 -30.64 -25.44 21.36
C ASP D 19 -32.10 -24.99 21.66
N GLY D 20 -33.10 -25.43 20.88
CA GLY D 20 -34.50 -24.98 21.07
C GLY D 20 -34.79 -23.62 20.45
N LYS D 21 -34.01 -23.24 19.43
CA LYS D 21 -33.96 -21.86 18.87
C LYS D 21 -34.47 -21.85 17.43
N ILE D 22 -35.21 -20.81 17.10
CA ILE D 22 -35.75 -20.52 15.74
C ILE D 22 -34.80 -19.58 15.01
N GLY D 23 -34.21 -18.64 15.77
CA GLY D 23 -33.32 -17.55 15.31
C GLY D 23 -34.08 -16.27 14.97
N LEU D 24 -35.02 -15.79 15.82
CA LEU D 24 -35.79 -14.54 15.62
C LEU D 24 -35.69 -13.61 16.82
N ARG D 25 -35.80 -12.32 16.52
CA ARG D 25 -36.22 -11.32 17.50
C ARG D 25 -37.39 -10.60 16.86
N LEU D 26 -38.44 -10.39 17.64
CA LEU D 26 -39.71 -9.75 17.18
C LEU D 26 -39.93 -8.40 17.84
N LYS D 27 -40.73 -7.55 17.18
CA LYS D 27 -41.04 -6.22 17.72
C LYS D 27 -42.49 -5.86 17.43
N SER D 28 -43.13 -5.25 18.46
CA SER D 28 -44.52 -4.73 18.40
C SER D 28 -44.43 -3.40 17.69
N ILE D 29 -45.14 -3.26 16.58
CA ILE D 29 -45.31 -1.94 15.90
C ILE D 29 -46.77 -1.81 15.46
N ASP D 30 -47.43 -0.75 15.88
CA ASP D 30 -48.80 -0.37 15.41
C ASP D 30 -49.74 -1.60 15.55
N ASN D 31 -49.63 -2.34 16.66
CA ASN D 31 -50.50 -3.52 17.01
C ASN D 31 -50.28 -4.70 16.06
N GLY D 32 -49.13 -4.68 15.34
CA GLY D 32 -48.60 -5.80 14.57
C GLY D 32 -47.38 -6.35 15.24
N ILE D 33 -46.94 -7.52 14.78
CA ILE D 33 -45.65 -8.13 15.15
C ILE D 33 -44.75 -8.20 13.92
N PHE D 34 -43.55 -7.66 14.03
CA PHE D 34 -42.55 -7.66 12.93
C PHE D 34 -41.21 -8.24 13.39
N VAL D 35 -40.43 -8.72 12.42
CA VAL D 35 -39.11 -9.37 12.65
C VAL D 35 -38.09 -8.25 12.72
N GLN D 36 -37.41 -8.16 13.84
CA GLN D 36 -36.36 -7.12 14.08
C GLN D 36 -35.02 -7.75 13.77
N LEU D 37 -35.01 -9.10 13.74
CA LEU D 37 -33.75 -9.86 13.52
C LEU D 37 -34.03 -11.29 13.09
N VAL D 38 -33.23 -11.70 12.11
CA VAL D 38 -33.10 -13.10 11.66
C VAL D 38 -31.62 -13.45 11.81
N GLN D 39 -31.37 -14.53 12.56
CA GLN D 39 -30.01 -15.05 12.80
C GLN D 39 -29.47 -15.81 11.55
N ALA D 40 -28.29 -15.43 11.10
CA ALA D 40 -27.53 -16.14 10.04
C ALA D 40 -27.46 -17.63 10.40
N ASN D 41 -27.87 -18.50 9.48
CA ASN D 41 -27.71 -19.96 9.59
C ASN D 41 -28.79 -20.55 10.50
N SER D 42 -29.82 -19.80 10.84
CA SER D 42 -30.88 -20.26 11.76
C SER D 42 -31.96 -20.99 10.97
N PRO D 43 -32.79 -21.82 11.63
CA PRO D 43 -34.00 -22.28 10.95
C PRO D 43 -34.86 -21.15 10.34
N ALA D 44 -34.94 -19.99 11.01
CA ALA D 44 -35.71 -18.85 10.45
C ALA D 44 -35.06 -18.42 9.12
N SER D 45 -33.74 -18.27 9.03
CA SER D 45 -33.07 -17.87 7.77
C SER D 45 -33.28 -18.97 6.72
N LEU D 46 -33.12 -20.23 7.10
CA LEU D 46 -33.19 -21.35 6.12
C LEU D 46 -34.59 -21.42 5.51
N VAL D 47 -35.67 -21.12 6.25
CA VAL D 47 -37.02 -21.14 5.61
C VAL D 47 -37.31 -19.83 4.87
N GLY D 48 -36.45 -18.83 4.94
CA GLY D 48 -36.58 -17.59 4.15
C GLY D 48 -37.31 -16.42 4.84
N LEU D 49 -37.28 -16.35 6.17
CA LEU D 49 -37.84 -15.19 6.92
C LEU D 49 -36.86 -14.03 6.77
N ARG D 50 -37.39 -12.82 6.71
CA ARG D 50 -36.55 -11.61 6.56
C ARG D 50 -36.87 -10.54 7.62
N PHE D 51 -35.86 -9.75 7.95
CA PHE D 51 -35.94 -8.47 8.66
C PHE D 51 -37.12 -7.64 8.06
N GLY D 52 -38.03 -7.15 8.92
CA GLY D 52 -39.21 -6.40 8.46
C GLY D 52 -40.43 -7.23 8.09
N ASP D 53 -40.32 -8.55 8.02
CA ASP D 53 -41.54 -9.34 7.74
C ASP D 53 -42.53 -9.15 8.91
N GLN D 54 -43.83 -9.22 8.61
CA GLN D 54 -44.95 -9.16 9.56
C GLN D 54 -45.42 -10.59 9.87
N VAL D 55 -45.45 -10.94 11.15
CA VAL D 55 -46.01 -12.22 11.62
C VAL D 55 -47.49 -12.04 11.98
N LEU D 56 -48.35 -12.57 11.13
CA LEU D 56 -49.83 -12.47 11.27
C LEU D 56 -50.36 -13.49 12.31
N GLN D 57 -49.87 -14.73 12.22
N GLN D 57 -49.83 -14.71 12.26
CA GLN D 57 -50.27 -15.85 13.10
CA GLN D 57 -50.28 -15.83 13.13
C GLN D 57 -49.02 -16.65 13.48
C GLN D 57 -49.07 -16.70 13.46
N ILE D 58 -49.05 -17.26 14.68
CA ILE D 58 -48.11 -18.33 15.10
C ILE D 58 -49.00 -19.52 15.47
N ASN D 59 -48.77 -20.68 14.82
CA ASN D 59 -49.52 -21.94 15.05
C ASN D 59 -51.01 -21.62 15.05
N GLY D 60 -51.47 -20.84 14.06
CA GLY D 60 -52.91 -20.60 13.89
C GLY D 60 -53.41 -19.45 14.74
N GLU D 61 -52.67 -18.94 15.72
CA GLU D 61 -53.21 -17.88 16.60
C GLU D 61 -52.78 -16.49 16.11
N ASN D 62 -53.71 -15.55 16.07
CA ASN D 62 -53.46 -14.17 15.57
C ASN D 62 -52.48 -13.45 16.51
N CYS D 63 -51.49 -12.77 15.96
CA CYS D 63 -50.53 -11.93 16.73
C CYS D 63 -51.10 -10.53 16.97
N ALA D 64 -52.23 -10.16 16.38
CA ALA D 64 -52.77 -8.78 16.46
C ALA D 64 -52.78 -8.31 17.92
N GLY D 65 -52.20 -7.14 18.17
CA GLY D 65 -52.05 -6.53 19.50
C GLY D 65 -51.09 -7.24 20.45
N TRP D 66 -50.43 -8.34 20.12
CA TRP D 66 -49.48 -8.98 21.08
C TRP D 66 -48.36 -7.98 21.41
N SER D 67 -47.90 -7.89 22.66
CA SER D 67 -46.61 -7.22 22.99
C SER D 67 -45.48 -8.09 22.43
N SER D 68 -44.31 -7.52 22.21
CA SER D 68 -43.03 -8.23 21.88
C SER D 68 -42.81 -9.40 22.85
N ASP D 69 -42.93 -9.12 24.15
CA ASP D 69 -42.67 -10.08 25.27
C ASP D 69 -43.58 -11.28 25.06
N LYS D 70 -44.84 -11.02 24.77
CA LYS D 70 -45.81 -12.14 24.56
C LYS D 70 -45.43 -12.92 23.30
N ALA D 71 -45.16 -12.26 22.18
CA ALA D 71 -44.78 -13.02 20.96
C ALA D 71 -43.55 -13.88 21.26
N HIS D 72 -42.54 -13.31 21.91
CA HIS D 72 -41.28 -14.06 22.22
C HIS D 72 -41.60 -15.28 23.10
N LYS D 73 -42.40 -15.06 24.15
CA LYS D 73 -42.68 -16.13 25.15
C LYS D 73 -43.46 -17.24 24.45
N VAL D 74 -44.43 -16.89 23.61
CA VAL D 74 -45.22 -17.88 22.82
C VAL D 74 -44.29 -18.71 21.91
N LEU D 75 -43.27 -18.11 21.28
CA LEU D 75 -42.35 -18.91 20.44
C LEU D 75 -41.46 -19.84 21.29
N LYS D 76 -40.98 -19.36 22.44
CA LYS D 76 -40.14 -20.18 23.34
C LYS D 76 -40.95 -21.39 23.81
N GLN D 77 -42.22 -21.16 24.17
CA GLN D 77 -43.11 -22.23 24.71
C GLN D 77 -43.60 -23.22 23.63
N ALA D 78 -43.56 -22.85 22.35
CA ALA D 78 -43.99 -23.67 21.19
C ALA D 78 -43.29 -25.03 21.19
N PHE D 79 -44.04 -26.13 21.14
CA PHE D 79 -43.45 -27.46 20.78
C PHE D 79 -42.73 -27.30 19.45
N GLY D 80 -41.47 -27.74 19.43
CA GLY D 80 -40.48 -27.37 18.40
C GLY D 80 -40.61 -28.19 17.14
N GLU D 81 -41.26 -29.37 17.22
CA GLU D 81 -41.23 -30.38 16.12
C GLU D 81 -41.84 -29.76 14.85
N LYS D 82 -42.80 -28.84 14.97
CA LYS D 82 -43.38 -28.07 13.82
C LYS D 82 -44.05 -26.79 14.32
N ILE D 83 -43.52 -25.63 13.92
CA ILE D 83 -44.11 -24.29 14.19
C ILE D 83 -44.56 -23.69 12.83
N THR D 84 -45.81 -23.32 12.71
CA THR D 84 -46.37 -22.64 11.51
C THR D 84 -46.39 -21.14 11.77
N MET D 85 -46.17 -20.32 10.75
CA MET D 85 -46.27 -18.85 10.86
C MET D 85 -46.88 -18.40 9.53
N THR D 86 -47.82 -17.45 9.60
CA THR D 86 -48.40 -16.75 8.43
C THR D 86 -47.68 -15.40 8.36
N ILE D 87 -47.10 -15.09 7.20
CA ILE D 87 -46.12 -13.98 6.99
C ILE D 87 -46.65 -13.05 5.89
N ARG D 88 -46.65 -11.74 6.18
CA ARG D 88 -46.77 -10.72 5.14
C ARG D 88 -45.34 -10.27 4.87
N ASP D 89 -44.94 -10.27 3.58
CA ASP D 89 -43.58 -9.93 3.12
C ASP D 89 -43.28 -8.45 3.36
N ARG D 90 -42.24 -8.22 4.18
CA ARG D 90 -41.61 -6.88 4.36
C ARG D 90 -42.56 -5.71 4.05
N PRO D 91 -43.64 -5.53 4.82
CA PRO D 91 -44.65 -4.57 4.41
C PRO D 91 -44.27 -3.10 4.51
N PHE D 92 -43.28 -2.75 5.33
CA PHE D 92 -42.89 -1.34 5.47
C PHE D 92 -41.87 -0.88 4.41
N GLU D 93 -41.50 -1.78 3.49
CA GLU D 93 -40.28 -1.63 2.65
C GLU D 93 -40.71 -1.64 1.20
N ARG D 94 -39.86 -1.09 0.34
CA ARG D 94 -40.03 -1.07 -1.12
C ARG D 94 -38.66 -1.20 -1.77
N THR D 95 -38.61 -1.63 -3.03
CA THR D 95 -37.32 -1.78 -3.78
C THR D 95 -37.30 -0.76 -4.88
N ILE D 96 -36.17 -0.09 -5.06
CA ILE D 96 -35.90 0.81 -6.22
C ILE D 96 -34.75 0.16 -7.03
N THR D 97 -34.92 0.02 -8.35
CA THR D 97 -33.96 -0.58 -9.30
C THR D 97 -33.24 0.55 -10.04
N MET D 98 -31.91 0.62 -9.92
CA MET D 98 -31.08 1.68 -10.52
C MET D 98 -30.04 1.04 -11.44
N HIS D 99 -29.47 1.82 -12.34
CA HIS D 99 -28.39 1.42 -13.27
C HIS D 99 -27.15 2.28 -13.00
N LYS D 100 -25.98 1.69 -12.95
CA LYS D 100 -24.74 2.46 -12.69
C LYS D 100 -24.35 3.32 -13.91
N ASP D 101 -23.95 4.55 -13.62
CA ASP D 101 -23.37 5.49 -14.61
C ASP D 101 -21.98 4.93 -14.96
N SER D 102 -21.23 5.63 -15.82
CA SER D 102 -19.92 5.20 -16.37
C SER D 102 -18.84 5.24 -15.28
N THR D 103 -19.09 5.91 -14.16
CA THR D 103 -18.19 5.94 -12.98
C THR D 103 -18.50 4.82 -11.96
N GLY D 104 -19.54 4.00 -12.18
CA GLY D 104 -19.97 2.90 -11.26
C GLY D 104 -20.90 3.40 -10.16
N HIS D 105 -21.55 4.56 -10.33
CA HIS D 105 -22.41 5.22 -9.32
C HIS D 105 -23.86 5.23 -9.79
N VAL D 106 -24.78 5.30 -8.83
CA VAL D 106 -26.24 5.31 -9.13
C VAL D 106 -26.85 6.65 -8.67
N GLY D 107 -26.11 7.52 -7.98
CA GLY D 107 -26.54 8.90 -7.73
C GLY D 107 -27.18 9.09 -6.37
N PHE D 108 -26.59 8.58 -5.29
CA PHE D 108 -27.00 9.01 -3.93
C PHE D 108 -25.86 8.98 -2.92
N ILE D 109 -26.06 9.68 -1.79
CA ILE D 109 -25.18 9.76 -0.60
C ILE D 109 -25.96 9.19 0.58
N PHE D 110 -25.34 8.33 1.38
CA PHE D 110 -25.93 7.84 2.63
C PHE D 110 -24.93 7.94 3.79
N LYS D 111 -25.44 8.00 5.01
CA LYS D 111 -24.66 7.98 6.26
C LYS D 111 -25.45 7.17 7.30
N ASN D 112 -24.80 6.25 8.02
CA ASN D 112 -25.44 5.40 9.06
C ASN D 112 -26.52 4.57 8.36
N GLY D 113 -26.26 4.16 7.14
CA GLY D 113 -27.20 3.41 6.30
C GLY D 113 -28.42 4.22 5.86
N LYS D 114 -28.47 5.53 6.14
CA LYS D 114 -29.68 6.36 5.79
C LYS D 114 -29.40 7.30 4.63
N ILE D 115 -30.21 7.29 3.58
CA ILE D 115 -29.99 8.13 2.36
C ILE D 115 -30.22 9.60 2.73
N THR D 116 -29.25 10.47 2.44
CA THR D 116 -29.27 11.90 2.83
C THR D 116 -29.26 12.82 1.60
N SER D 117 -28.84 12.42 0.40
CA SER D 117 -29.01 13.29 -0.78
C SER D 117 -29.08 12.47 -2.06
N ILE D 118 -29.73 13.03 -3.08
CA ILE D 118 -29.94 12.39 -4.40
C ILE D 118 -29.17 13.26 -5.37
N VAL D 119 -28.34 12.66 -6.21
CA VAL D 119 -27.60 13.44 -7.24
C VAL D 119 -28.58 13.80 -8.37
N LYS D 120 -28.51 15.05 -8.82
CA LYS D 120 -29.28 15.57 -9.99
C LYS D 120 -29.02 14.71 -11.23
N ASP D 121 -30.07 14.36 -11.98
CA ASP D 121 -29.94 13.60 -13.27
C ASP D 121 -29.18 12.29 -13.10
N SER D 122 -29.22 11.69 -11.92
CA SER D 122 -28.73 10.32 -11.69
C SER D 122 -29.85 9.30 -11.95
N SER D 123 -29.43 8.05 -12.04
CA SER D 123 -30.29 6.85 -11.92
C SER D 123 -31.15 6.91 -10.64
N ALA D 124 -30.58 7.24 -9.46
CA ALA D 124 -31.39 7.44 -8.23
C ALA D 124 -32.54 8.42 -8.56
N ALA D 125 -32.20 9.50 -9.27
CA ALA D 125 -33.13 10.62 -9.49
C ALA D 125 -34.25 10.12 -10.39
N ARG D 126 -33.92 9.51 -11.53
CA ARG D 126 -34.91 9.03 -12.54
C ARG D 126 -35.84 8.03 -11.87
N ASN D 127 -35.35 7.27 -10.89
CA ASN D 127 -36.18 6.20 -10.29
C ASN D 127 -36.85 6.69 -8.99
N GLY D 128 -36.68 7.97 -8.66
CA GLY D 128 -37.24 8.65 -7.48
C GLY D 128 -36.97 7.98 -6.16
N LEU D 129 -35.72 7.59 -5.93
CA LEU D 129 -35.22 7.28 -4.60
C LEU D 129 -35.49 8.46 -3.68
N LEU D 130 -35.65 8.17 -2.40
CA LEU D 130 -36.08 9.19 -1.39
C LEU D 130 -35.00 9.32 -0.33
N THR D 131 -34.88 10.49 0.27
CA THR D 131 -34.02 10.68 1.48
C THR D 131 -34.82 10.26 2.73
N GLU D 132 -34.14 10.31 3.86
CA GLU D 132 -34.72 9.93 5.17
C GLU D 132 -35.27 8.50 5.03
N HIS D 133 -34.56 7.63 4.28
CA HIS D 133 -34.89 6.19 4.14
C HIS D 133 -33.63 5.38 4.48
N ASN D 134 -33.79 4.31 5.25
CA ASN D 134 -32.70 3.39 5.59
C ASN D 134 -32.67 2.28 4.55
N ILE D 135 -31.44 1.99 4.14
CA ILE D 135 -31.13 0.83 3.29
C ILE D 135 -31.27 -0.41 4.16
N CYS D 136 -32.16 -1.31 3.78
CA CYS D 136 -32.36 -2.63 4.44
C CYS D 136 -31.65 -3.75 3.68
N GLU D 137 -31.69 -3.68 2.34
CA GLU D 137 -31.12 -4.78 1.51
C GLU D 137 -30.53 -4.20 0.25
N ILE D 138 -29.60 -4.95 -0.31
CA ILE D 138 -28.97 -4.70 -1.65
C ILE D 138 -29.04 -5.96 -2.50
N ASN D 139 -29.86 -5.90 -3.55
CA ASN D 139 -30.25 -7.08 -4.37
C ASN D 139 -30.66 -8.23 -3.46
N GLY D 140 -31.48 -7.98 -2.44
CA GLY D 140 -32.04 -9.06 -1.61
C GLY D 140 -31.18 -9.39 -0.39
N GLN D 141 -29.96 -8.84 -0.32
CA GLN D 141 -29.03 -9.13 0.81
C GLN D 141 -29.22 -8.08 1.90
N ASN D 142 -29.58 -8.54 3.10
CA ASN D 142 -29.75 -7.76 4.35
C ASN D 142 -28.38 -7.15 4.66
N VAL D 143 -28.29 -5.84 4.82
CA VAL D 143 -27.08 -5.05 5.19
C VAL D 143 -27.32 -4.32 6.50
N ILE D 144 -28.24 -4.80 7.32
CA ILE D 144 -28.58 -4.06 8.58
C ILE D 144 -27.53 -4.30 9.64
N GLY D 145 -27.00 -3.19 10.14
CA GLY D 145 -25.92 -3.14 11.11
C GLY D 145 -24.53 -3.14 10.52
N LEU D 146 -24.35 -3.34 9.21
CA LEU D 146 -23.02 -3.28 8.58
C LEU D 146 -22.58 -1.83 8.61
N LYS D 147 -21.30 -1.59 8.49
CA LYS D 147 -20.73 -0.23 8.46
C LYS D 147 -20.96 0.31 7.04
N ASP D 148 -20.89 1.62 6.85
CA ASP D 148 -21.13 2.30 5.56
C ASP D 148 -20.12 1.77 4.52
N SER D 149 -18.87 1.44 4.94
CA SER D 149 -17.86 1.01 3.94
C SER D 149 -18.29 -0.38 3.46
N GLN D 150 -18.94 -1.16 4.31
CA GLN D 150 -19.37 -2.52 3.90
C GLN D 150 -20.52 -2.36 2.88
N ILE D 151 -21.43 -1.44 3.19
CA ILE D 151 -22.64 -1.18 2.36
C ILE D 151 -22.12 -0.71 1.01
N ALA D 152 -21.28 0.31 1.02
CA ALA D 152 -20.59 0.84 -0.19
C ALA D 152 -20.01 -0.31 -1.02
N ASP D 153 -19.18 -1.17 -0.38
N ASP D 153 -19.26 -1.22 -0.37
CA ASP D 153 -18.52 -2.34 -1.03
CA ASP D 153 -18.50 -2.29 -1.07
C ASP D 153 -19.62 -3.14 -1.75
C ASP D 153 -19.49 -3.33 -1.66
N ILE D 154 -20.63 -3.59 -1.00
CA ILE D 154 -21.71 -4.45 -1.57
C ILE D 154 -22.39 -3.76 -2.79
N LEU D 155 -22.58 -2.43 -2.77
CA LEU D 155 -23.12 -1.60 -3.89
C LEU D 155 -22.19 -1.71 -5.12
N SER D 156 -20.88 -1.56 -4.93
CA SER D 156 -19.87 -1.62 -5.99
C SER D 156 -19.81 -3.02 -6.63
N THR D 157 -19.97 -4.07 -5.84
CA THR D 157 -19.82 -5.48 -6.31
C THR D 157 -21.18 -6.02 -6.76
N SER D 158 -22.16 -5.14 -6.94
CA SER D 158 -23.43 -5.43 -7.65
C SER D 158 -23.10 -5.53 -9.13
N GLY D 159 -23.86 -6.30 -9.92
CA GLY D 159 -23.98 -6.04 -11.37
C GLY D 159 -24.28 -4.57 -11.68
N THR D 160 -24.42 -4.24 -12.96
CA THR D 160 -24.73 -2.86 -13.44
C THR D 160 -26.11 -2.45 -12.91
N VAL D 161 -26.99 -3.43 -12.76
CA VAL D 161 -28.39 -3.25 -12.29
C VAL D 161 -28.39 -3.47 -10.79
N VAL D 162 -28.57 -2.39 -10.02
CA VAL D 162 -28.57 -2.42 -8.52
C VAL D 162 -30.00 -2.20 -7.98
N THR D 163 -30.53 -3.15 -7.21
CA THR D 163 -31.85 -3.02 -6.55
C THR D 163 -31.59 -2.73 -5.06
N ILE D 164 -32.12 -1.66 -4.51
CA ILE D 164 -32.09 -1.50 -3.02
C ILE D 164 -33.50 -1.57 -2.45
N THR D 165 -33.58 -2.20 -1.28
CA THR D 165 -34.77 -2.26 -0.44
C THR D 165 -34.61 -1.21 0.67
N ILE D 166 -35.53 -0.24 0.71
CA ILE D 166 -35.53 0.89 1.67
C ILE D 166 -36.76 0.88 2.60
N MET D 167 -36.66 1.64 3.69
CA MET D 167 -37.72 1.76 4.74
C MET D 167 -37.68 3.21 5.22
N PRO D 168 -38.84 3.92 5.38
CA PRO D 168 -38.78 5.27 5.94
C PRO D 168 -38.02 5.24 7.28
N ALA D 169 -37.14 6.22 7.57
CA ALA D 169 -36.24 6.28 8.75
C ALA D 169 -36.97 6.16 10.09
N PHE D 170 -38.09 6.84 10.28
N PHE D 170 -38.12 6.80 10.24
CA PHE D 170 -38.91 6.77 11.53
CA PHE D 170 -38.92 6.82 11.50
C PHE D 170 -39.29 5.31 11.81
C PHE D 170 -39.53 5.45 11.80
N ILE D 171 -39.75 4.59 10.78
CA ILE D 171 -40.23 3.20 10.99
C ILE D 171 -39.01 2.32 11.31
N PHE D 172 -37.92 2.49 10.56
CA PHE D 172 -36.65 1.73 10.79
C PHE D 172 -36.25 1.94 12.26
N GLU D 173 -36.15 3.18 12.70
CA GLU D 173 -35.73 3.50 14.08
C GLU D 173 -36.66 2.78 15.06
N HIS D 174 -37.95 2.79 14.82
CA HIS D 174 -38.91 2.09 15.70
C HIS D 174 -38.57 0.60 15.77
N ILE D 175 -38.26 -0.07 14.62
CA ILE D 175 -38.10 -1.55 14.53
C ILE D 175 -36.82 -1.91 15.29
N ILE D 176 -35.73 -1.14 15.20
CA ILE D 176 -34.47 -1.60 15.84
C ILE D 176 -34.39 -1.20 17.34
N LYS D 177 -35.34 -0.46 17.92
CA LYS D 177 -35.44 -0.18 19.40
C LYS D 177 -35.53 -1.48 20.23
N ARG D 178 -35.00 -1.48 21.47
CA ARG D 178 -35.02 -2.68 22.36
C ARG D 178 -34.24 -3.83 21.71
N MET D 179 -33.15 -3.49 21.03
CA MET D 179 -32.22 -4.49 20.45
C MET D 179 -30.85 -3.90 20.62
N ALA D 180 -29.95 -4.65 21.27
CA ALA D 180 -28.58 -4.23 21.57
C ALA D 180 -27.79 -4.17 20.28
N PRO D 181 -27.11 -3.05 19.99
CA PRO D 181 -26.25 -2.97 18.80
C PRO D 181 -25.33 -4.18 18.59
N SER D 182 -24.81 -4.75 19.69
CA SER D 182 -23.84 -5.85 19.68
C SER D 182 -24.53 -7.12 19.14
N ILE D 183 -25.85 -7.23 19.33
CA ILE D 183 -26.57 -8.43 18.86
C ILE D 183 -26.89 -8.25 17.37
N MET D 184 -27.29 -7.02 16.97
CA MET D 184 -27.54 -6.62 15.56
C MET D 184 -26.29 -6.91 14.71
N LYS D 185 -25.16 -6.33 15.12
CA LYS D 185 -23.83 -6.48 14.47
C LYS D 185 -23.34 -7.93 14.46
N SER D 186 -23.56 -8.77 15.47
CA SER D 186 -23.03 -10.15 15.33
C SER D 186 -24.04 -11.09 14.63
N LEU D 187 -25.35 -11.00 14.86
CA LEU D 187 -26.24 -12.16 14.58
C LEU D 187 -27.00 -11.95 13.29
N MET D 188 -27.18 -10.69 12.83
CA MET D 188 -28.04 -10.41 11.67
C MET D 188 -27.55 -11.21 10.44
N ASP D 189 -28.46 -11.99 9.86
CA ASP D 189 -28.32 -12.70 8.56
C ASP D 189 -27.93 -11.72 7.45
N HIS D 190 -26.80 -12.00 6.80
CA HIS D 190 -26.37 -11.24 5.60
C HIS D 190 -26.17 -12.21 4.44
N THR D 191 -26.72 -13.43 4.53
CA THR D 191 -26.40 -14.49 3.53
C THR D 191 -26.98 -14.20 2.15
N ILE D 192 -26.34 -14.73 1.11
CA ILE D 192 -26.93 -14.66 -0.27
C ILE D 192 -26.95 -16.08 -0.77
N PRO D 193 -27.80 -16.40 -1.77
CA PRO D 193 -27.90 -17.80 -2.21
C PRO D 193 -26.59 -18.34 -2.83
N GLU D 194 -25.82 -17.51 -3.53
CA GLU D 194 -24.55 -17.90 -4.21
C GLU D 194 -23.78 -16.63 -4.59
N VAL D 195 -22.48 -16.78 -4.89
CA VAL D 195 -21.63 -15.72 -5.49
C VAL D 195 -21.56 -16.05 -6.99
C1 EDO E . 4.36 9.60 -3.76
O1 EDO E . 4.10 8.23 -3.65
C2 EDO E . 5.77 9.90 -3.39
O2 EDO E . 6.70 9.16 -4.12
C1 EDO F . 29.26 -17.22 31.47
O1 EDO F . 28.64 -17.03 30.23
C2 EDO F . 30.71 -17.30 31.26
O2 EDO F . 31.18 -16.23 30.49
C1 EDO G . 10.98 -20.59 17.85
O1 EDO G . 9.95 -21.09 18.66
C2 EDO G . 11.68 -21.67 17.06
O2 EDO G . 12.45 -22.56 17.82
S SO4 H . 34.55 -8.07 23.32
O1 SO4 H . 33.51 -7.41 24.08
O2 SO4 H . 35.34 -7.08 22.64
O3 SO4 H . 35.39 -8.83 24.21
O4 SO4 H . 33.96 -8.96 22.36
N DGL I . 31.70 -5.97 25.87
CA DGL I . 30.26 -6.32 26.15
C DGL I . 29.57 -6.67 24.81
O DGL I . 30.04 -6.33 23.71
CB DGL I . 30.20 -7.45 27.18
CG DGL I . 31.28 -8.51 27.02
CD DGL I . 30.98 -9.88 27.64
OE1 DGL I . 31.65 -10.85 27.21
OE2 DGL I . 30.09 -9.96 28.52
OXT DGL I . 28.50 -7.27 24.78
C1 EDO J . -4.61 20.90 -25.75
O1 EDO J . -3.89 19.82 -25.15
C2 EDO J . -5.80 21.37 -24.96
O2 EDO J . -6.73 20.34 -24.63
C1 EDO K . 5.81 19.65 -4.80
O1 EDO K . 5.38 20.26 -6.01
C2 EDO K . 7.24 19.94 -4.42
O2 EDO K . 7.58 21.35 -4.34
C1 EDO L . 8.40 12.82 -12.74
O1 EDO L . 7.24 12.25 -13.37
C2 EDO L . 8.41 14.31 -12.54
O2 EDO L . 9.63 14.98 -12.90
N GLY M . 4.48 30.81 -2.97
CA GLY M . 4.65 32.18 -3.52
C GLY M . 4.11 32.28 -4.94
O GLY M . 4.48 33.19 -5.66
OXT GLY M . 3.30 31.43 -5.38
C10 YG9 N . -18.69 -11.50 7.72
C15 YG9 N . -20.81 -10.09 8.05
C17 YG9 N . -19.27 -7.40 3.33
C01 YG9 N . -18.47 -7.82 -0.86
C03 YG9 N . -19.77 -8.25 1.12
C04 YG9 N . -20.45 -9.31 1.69
C05 YG9 N . -20.53 -9.41 3.08
C06 YG9 N . -19.95 -8.45 3.89
C07 YG9 N . -20.00 -8.59 5.40
C08 YG9 N . -19.49 -9.97 5.86
C09 YG9 N . -19.44 -10.17 7.37
C12 YG9 N . -19.40 -8.40 8.94
C18 YG9 N . -19.20 -7.30 1.96
N11 YG9 N . -18.63 -9.12 7.93
N14 YG9 N . -20.74 -9.03 9.02
O02 YG9 N . -19.69 -8.15 -0.28
O13 YG9 N . -18.98 -7.51 9.60
O16 YG9 N . -21.76 -10.77 7.87
C10 YG9 O . -23.22 -16.44 7.72
C15 YG9 O . -23.61 -13.99 7.93
C17 YG9 O . -20.20 -13.47 3.99
C01 YG9 O . -20.70 -12.56 -0.70
C03 YG9 O . -20.45 -13.03 1.64
C04 YG9 O . -21.80 -12.77 1.84
C05 YG9 O . -22.33 -12.88 3.11
C06 YG9 O . -21.53 -13.20 4.20
C07 YG9 O . -22.18 -13.31 5.56
C08 YG9 O . -22.32 -14.81 5.98
C09 YG9 O . -22.64 -15.04 7.47
C12 YG9 O . -21.65 -13.78 9.21
C18 YG9 O . -19.64 -13.37 2.72
N11 YG9 O . -21.44 -14.91 8.29
N14 YG9 O . -22.99 -13.25 8.99
O02 YG9 O . -19.87 -12.94 0.38
O13 YG9 O . -20.91 -13.34 10.05
O16 YG9 O . -24.71 -13.78 7.52
C1 EDO P . -31.45 -12.74 3.36
O1 EDO P . -31.93 -11.73 2.53
C2 EDO P . -30.43 -12.21 4.28
O2 EDO P . -29.38 -11.46 3.69
C1 EDO Q . -45.08 4.45 13.68
O1 EDO Q . -45.42 3.68 14.78
C2 EDO Q . -43.70 4.23 13.22
O2 EDO Q . -43.24 2.95 13.49
S SO4 R . -31.64 4.53 -15.06
O1 SO4 R . -31.04 3.85 -16.18
O2 SO4 R . -30.82 5.66 -14.71
O3 SO4 R . -31.74 3.64 -13.93
O4 SO4 R . -32.95 4.98 -15.41
S SO4 S . -36.15 -11.23 24.55
O1 SO4 S . -35.71 -11.30 23.17
O2 SO4 S . -35.23 -10.43 25.33
O3 SO4 S . -36.21 -12.56 25.10
O4 SO4 S . -37.48 -10.65 24.63
N ALA T . -22.04 4.83 -3.67
CA ALA T . -21.66 3.96 -4.83
C ALA T . -22.92 3.67 -5.67
O ALA T . -23.70 4.62 -5.82
CB ALA T . -20.98 2.70 -4.36
OXT ALA T . -23.17 2.55 -6.18
N DGL U . -44.73 -2.43 24.29
CA DGL U . -43.41 -2.34 23.58
C DGL U . -43.19 -3.65 22.80
O DGL U . -42.23 -3.72 21.97
CB DGL U . -43.38 -1.09 22.68
CG DGL U . -44.68 -0.79 21.94
CD DGL U . -44.51 -0.16 20.57
OE1 DGL U . -43.43 0.41 20.30
OE2 DGL U . -45.47 -0.22 19.76
OXT DGL U . -43.98 -4.63 23.01
N GLY V . -49.13 -2.16 21.19
CA GLY V . -49.44 -3.57 21.48
C GLY V . -48.85 -4.02 22.80
O GLY V . -47.73 -3.63 23.14
OXT GLY V . -49.48 -4.75 23.54
N GLY W . -20.52 7.64 -1.14
CA GLY W . -20.52 6.33 -0.46
C GLY W . -20.93 6.47 0.99
O GLY W . -21.85 7.26 1.27
OXT GLY W . -20.36 5.83 1.90
N GLY X . -34.52 -19.05 1.38
CA GLY X . -33.51 -19.50 2.38
C GLY X . -32.24 -18.65 2.32
O GLY X . -32.06 -17.86 1.40
OXT GLY X . -31.37 -18.75 3.20
#